data_8UOM
#
_entry.id   8UOM
#
_cell.length_a   117.673
_cell.length_b   177.827
_cell.length_c   234.528
_cell.angle_alpha   90.00
_cell.angle_beta   90.00
_cell.angle_gamma   90.00
#
_symmetry.space_group_name_H-M   'I 2 2 2'
#
loop_
_entity.id
_entity.type
_entity.pdbx_description
1 polymer 'Lysine-specific histone demethylase 1A'
2 polymer 'REST corepressor 1'
3 polymer 'Histone H3 (Fragment)'
4 non-polymer '[[(2R,3S,4R,5R)-5-(6-aminopurin-9-yl)-3,4-bis(oxidanyl)oxolan-2-yl]methoxy-oxidanyl-phosphoryl] [(2R,3S,4S)-5-[5-methanoyl-7,8-dimethyl-2,4-bis(oxidanylidene)-1H-benzo[g]pteridin-10-yl]-2,3,4-tris(oxidanyl)pentyl] hydrogen phosphate'
#
loop_
_entity_poly.entity_id
_entity_poly.type
_entity_poly.pdbx_seq_one_letter_code
_entity_poly.pdbx_strand_id
1 'polypeptide(L)'
;GSSHHHHHHSSGLVPRGSHMLSGKKAAAAAAAAAAAATGTEAGPGTAGGSENGSEVAAQPAGLSGPAEVGPGAVGERTPR
KKEPPRASPPGGLAEPPGSAGPQAGPTVVPGSATPMETGIAETPEGRRTSRRKRAKVEYREMDESLANLSEDEYYSEEER
NAKAEKEKKLPPPPPQAPPEEENESEPEEPSGVEGAAFQSRLPHDRMTSQEAACFPDIISGPQQTQKVFLFIRNRTLQLW
LDNPKIQLTFEATLQQLEAPYNSDTVLVHRVHSYLERHGLINFGIYKRIKPLPTKKTGKVIIIGSGVSGLAAARQLQSFG
MDVTLLEARDRVGGRVATFRKGNYVADLGAMVVTGLGGNPMAVVSKQVNMELAKIKQKCPLYEANGQAVPKEKDEMVEQE
FNRLLEATSYLSHQLDFNVLNNKPVSLGQALEVVIQLQEKHVKDEQIEHWKKIVKTQEELKELLNKMVNLKEKIKELHQQ
YKEASEVKPPRDITAEFLVKSKHRDLTALCKEYDELAETQGKLEEKLQELEANPPSDVYLSSRDRQILDWHFANLEFANA
TPLSTLSLKHWDQDDDFEFTGSHLTVRNGYSCVPVALAEGLDIKLNTAVRQVRYTASGCEVIAVNTRSTSQTFIYKCDAV
LCTLPLGVLKQQPPAVQFVPPLPEWKTSAVQRMGFGNLNKVVLCFDRVFWDPSVNLFGHVGSTTASRGELFLFWNLYKAP
ILLALVAGEAAGIMENISDDVIVGRCLAILKGIFGSSAVPQPKETVVSRWRADPWARGSYSYVAAGSSGNDYDLMAQPIT
PGPSIPGAPQPIPRLFFAGEHTIRNYPATVHGALLSGLREAGRIADQFLGAMYTLPRQATPGVPAQQSPSM
;
A
2 'polypeptide(L)'
;GPLGSPEFRAKRKPPKGMFLSQEDVEAVSANATAATTVLRQLDMELVSVKRQIQNIKQTNSALKEKLDGGIEPYRLPEVI
QKCNARWTTEEQLLAVQAIRKYGRDFQAISDVIGNKSVVQVKNFFVNYRRRFNIDEVLQEWEAE
;
B
3 'polypeptide(L)' ART(MLY)QTARKSTGGKAPRKQLA C
#
# COMPACT_ATOMS: atom_id res chain seq x y z
N PRO A 190 11.28 -25.10 -6.72
CA PRO A 190 12.35 -25.79 -7.45
C PRO A 190 12.86 -27.06 -6.73
N SER A 191 13.32 -28.04 -7.51
CA SER A 191 13.94 -29.27 -7.00
C SER A 191 15.21 -29.54 -7.79
N GLY A 192 15.85 -30.68 -7.51
CA GLY A 192 17.16 -30.93 -8.07
C GLY A 192 18.23 -30.12 -7.36
N VAL A 193 19.40 -29.99 -7.99
CA VAL A 193 20.41 -29.18 -7.33
C VAL A 193 20.05 -27.71 -7.41
N GLU A 194 19.24 -27.30 -8.39
CA GLU A 194 18.78 -25.91 -8.45
C GLU A 194 17.94 -25.54 -7.23
N GLY A 195 17.30 -26.50 -6.58
CA GLY A 195 16.49 -26.24 -5.40
C GLY A 195 17.35 -26.00 -4.18
N ALA A 196 18.45 -26.74 -4.08
CA ALA A 196 19.42 -26.50 -3.02
C ALA A 196 19.96 -25.07 -3.07
N ALA A 197 20.28 -24.59 -4.27
CA ALA A 197 20.71 -23.20 -4.41
C ALA A 197 19.62 -22.24 -3.96
N PHE A 198 18.39 -22.45 -4.42
CA PHE A 198 17.31 -21.54 -4.06
C PHE A 198 17.04 -21.58 -2.56
N GLN A 199 16.96 -22.80 -1.98
CA GLN A 199 16.74 -22.97 -0.54
C GLN A 199 17.87 -22.38 0.28
N SER A 200 18.97 -22.01 -0.35
CA SER A 200 20.08 -21.36 0.32
C SER A 200 20.18 -19.89 -0.04
N ARG A 201 19.15 -19.34 -0.67
CA ARG A 201 19.12 -17.93 -1.00
C ARG A 201 20.24 -17.60 -1.99
N LEU A 202 20.39 -18.46 -3.01
CA LEU A 202 21.53 -18.46 -3.95
C LEU A 202 21.10 -18.75 -5.38
N PRO A 203 21.49 -17.92 -6.36
CA PRO A 203 21.20 -18.26 -7.76
C PRO A 203 21.98 -19.51 -8.16
N HIS A 204 21.29 -20.47 -8.77
CA HIS A 204 21.98 -21.70 -9.18
C HIS A 204 22.85 -21.48 -10.39
N ASP A 205 22.49 -20.54 -11.28
CA ASP A 205 23.07 -20.45 -12.61
C ASP A 205 24.06 -19.32 -12.74
N ARG A 206 24.49 -18.78 -11.61
CA ARG A 206 25.20 -17.51 -11.56
C ARG A 206 25.98 -17.47 -10.25
N MET A 207 27.09 -16.73 -10.24
CA MET A 207 28.05 -16.81 -9.16
C MET A 207 28.05 -15.49 -8.40
N THR A 208 27.95 -15.55 -7.06
CA THR A 208 27.59 -14.37 -6.27
C THR A 208 28.80 -13.47 -6.05
N SER A 209 28.49 -12.20 -5.76
CA SER A 209 29.50 -11.21 -5.40
C SER A 209 30.50 -11.77 -4.41
N GLN A 210 30.04 -12.62 -3.52
CA GLN A 210 30.84 -12.98 -2.38
C GLN A 210 31.54 -14.31 -2.63
N GLU A 211 31.12 -15.05 -3.67
CA GLU A 211 31.91 -16.13 -4.27
C GLU A 211 33.01 -15.60 -5.16
N ALA A 212 32.75 -14.51 -5.88
CA ALA A 212 33.79 -13.88 -6.67
C ALA A 212 34.99 -13.50 -5.81
N ALA A 213 34.75 -12.95 -4.63
CA ALA A 213 35.86 -12.51 -3.80
C ALA A 213 36.65 -13.68 -3.22
N CYS A 214 36.03 -14.82 -3.11
CA CYS A 214 36.78 -15.96 -2.59
C CYS A 214 37.35 -16.73 -3.78
N PHE A 215 36.73 -16.62 -4.94
CA PHE A 215 37.18 -17.43 -6.08
C PHE A 215 37.39 -16.54 -7.30
N PRO A 216 38.30 -15.56 -7.25
CA PRO A 216 38.52 -14.67 -8.37
C PRO A 216 39.08 -15.44 -9.56
N ASP A 217 39.86 -16.48 -9.34
CA ASP A 217 40.37 -17.22 -10.53
C ASP A 217 39.18 -17.75 -11.30
N ILE A 218 38.20 -18.35 -10.64
CA ILE A 218 37.04 -18.91 -11.37
C ILE A 218 36.20 -17.83 -12.03
N ILE A 219 35.96 -16.70 -11.38
CA ILE A 219 35.07 -15.66 -11.97
C ILE A 219 35.65 -15.19 -13.28
N SER A 220 36.95 -14.99 -13.38
CA SER A 220 37.53 -14.41 -14.61
C SER A 220 37.93 -15.51 -15.58
N GLY A 221 37.68 -16.77 -15.22
CA GLY A 221 38.04 -17.95 -16.02
C GLY A 221 37.07 -18.28 -17.12
N PRO A 222 37.26 -19.41 -17.80
CA PRO A 222 36.38 -19.82 -18.86
C PRO A 222 34.98 -20.12 -18.31
N GLN A 223 33.97 -19.67 -19.06
CA GLN A 223 32.56 -19.83 -18.66
C GLN A 223 32.28 -21.29 -18.40
N GLN A 224 33.18 -22.17 -18.79
CA GLN A 224 32.89 -23.57 -18.53
C GLN A 224 33.34 -23.93 -17.12
N THR A 225 34.49 -23.43 -16.69
CA THR A 225 34.93 -23.68 -15.32
C THR A 225 33.93 -23.13 -14.30
N GLN A 226 33.35 -21.94 -14.58
CA GLN A 226 32.33 -21.39 -13.71
C GLN A 226 31.19 -22.38 -13.53
N LYS A 227 30.66 -22.87 -14.64
CA LYS A 227 29.52 -23.81 -14.59
C LYS A 227 29.94 -25.01 -13.75
N VAL A 228 31.18 -25.41 -13.91
CA VAL A 228 31.74 -26.55 -13.15
C VAL A 228 31.54 -26.21 -11.69
N PHE A 229 32.09 -25.07 -11.34
CA PHE A 229 32.04 -24.55 -9.97
C PHE A 229 30.62 -24.57 -9.44
N LEU A 230 29.71 -23.95 -10.17
CA LEU A 230 28.31 -23.86 -9.72
C LEU A 230 27.77 -25.24 -9.46
N PHE A 231 27.98 -26.19 -10.37
CA PHE A 231 27.45 -27.54 -10.08
C PHE A 231 28.28 -28.14 -8.95
N ILE A 232 29.59 -27.87 -8.95
CA ILE A 232 30.48 -28.40 -7.90
C ILE A 232 29.97 -27.91 -6.56
N ARG A 233 29.61 -26.63 -6.48
CA ARG A 233 28.96 -26.01 -5.31
C ARG A 233 27.62 -26.72 -5.17
N ASN A 234 26.55 -26.18 -5.77
CA ASN A 234 25.11 -26.60 -5.74
C ASN A 234 24.89 -28.00 -5.19
N ARG A 235 25.48 -29.00 -5.83
CA ARG A 235 25.46 -30.41 -5.38
C ARG A 235 25.70 -30.46 -3.89
N THR A 236 26.83 -29.93 -3.45
CA THR A 236 27.22 -29.96 -2.02
C THR A 236 26.09 -29.45 -1.14
N LEU A 237 25.48 -28.33 -1.49
CA LEU A 237 24.40 -27.84 -0.61
C LEU A 237 23.29 -28.88 -0.54
N GLN A 238 22.98 -29.53 -1.67
CA GLN A 238 21.89 -30.51 -1.71
C GLN A 238 22.19 -31.62 -0.71
N LEU A 239 23.42 -32.11 -0.64
CA LEU A 239 23.71 -33.18 0.33
C LEU A 239 23.48 -32.67 1.74
N TRP A 240 23.91 -31.46 2.02
CA TRP A 240 23.72 -30.92 3.37
C TRP A 240 22.23 -30.90 3.64
N LEU A 241 21.48 -30.35 2.70
CA LEU A 241 20.07 -30.16 3.01
C LEU A 241 19.36 -31.49 3.20
N ASP A 242 19.82 -32.49 2.48
CA ASP A 242 19.15 -33.80 2.50
C ASP A 242 19.25 -34.40 3.87
N ASN A 243 20.31 -34.11 4.60
CA ASN A 243 20.42 -34.69 5.95
C ASN A 243 21.19 -33.70 6.79
N PRO A 244 20.55 -32.69 7.40
CA PRO A 244 21.23 -31.64 8.12
C PRO A 244 21.44 -31.96 9.58
N LYS A 245 21.13 -33.18 9.99
CA LYS A 245 21.34 -33.55 11.40
C LYS A 245 22.76 -34.05 11.62
N ILE A 246 23.56 -34.27 10.57
CA ILE A 246 24.96 -34.76 10.82
C ILE A 246 25.95 -33.97 9.97
N GLN A 247 27.18 -33.81 10.47
CA GLN A 247 28.21 -33.03 9.79
C GLN A 247 28.40 -33.48 8.36
N LEU A 248 28.55 -32.53 7.44
CA LEU A 248 28.85 -32.92 6.05
C LEU A 248 30.35 -32.73 5.80
N THR A 249 31.11 -33.78 6.03
CA THR A 249 32.58 -33.72 5.89
C THR A 249 33.00 -33.68 4.43
N PHE A 250 34.21 -33.20 4.19
CA PHE A 250 34.79 -33.07 2.83
C PHE A 250 34.82 -34.44 2.18
N GLU A 251 35.26 -35.44 2.94
CA GLU A 251 35.43 -36.79 2.39
C GLU A 251 34.09 -37.30 1.89
N ALA A 252 33.04 -37.10 2.68
CA ALA A 252 31.73 -37.61 2.22
C ALA A 252 31.33 -36.88 0.95
N THR A 253 31.54 -35.57 0.92
CA THR A 253 31.09 -34.80 -0.25
C THR A 253 31.76 -35.30 -1.50
N LEU A 254 33.06 -35.49 -1.45
CA LEU A 254 33.78 -35.92 -2.67
C LEU A 254 33.26 -37.30 -3.05
N GLN A 255 33.11 -38.14 -2.04
CA GLN A 255 32.69 -39.52 -2.26
C GLN A 255 31.40 -39.59 -3.08
N GLN A 256 30.51 -38.60 -2.91
CA GLN A 256 29.21 -38.58 -3.59
C GLN A 256 29.14 -37.63 -4.78
N LEU A 257 30.23 -36.94 -5.01
CA LEU A 257 30.30 -36.12 -6.23
C LEU A 257 30.67 -37.08 -7.36
N GLU A 258 30.32 -36.75 -8.60
CA GLU A 258 30.62 -37.72 -9.69
C GLU A 258 31.53 -37.12 -10.75
N ALA A 259 32.15 -38.00 -11.53
CA ALA A 259 33.01 -37.52 -12.62
C ALA A 259 32.15 -36.78 -13.63
N PRO A 260 32.63 -35.69 -14.21
CA PRO A 260 34.03 -35.31 -14.07
C PRO A 260 34.23 -34.37 -12.89
N TYR A 261 33.15 -34.06 -12.19
CA TYR A 261 33.26 -33.07 -11.10
C TYR A 261 34.22 -33.59 -10.03
N ASN A 262 34.18 -34.86 -9.66
CA ASN A 262 35.13 -35.28 -8.59
C ASN A 262 36.49 -35.64 -9.17
N SER A 263 37.21 -34.64 -9.66
CA SER A 263 38.55 -34.77 -10.26
C SER A 263 39.45 -33.72 -9.61
N ASP A 264 39.08 -32.45 -9.79
CA ASP A 264 39.88 -31.36 -9.21
C ASP A 264 39.59 -31.31 -7.72
N THR A 265 40.19 -32.21 -6.96
CA THR A 265 39.91 -32.26 -5.53
C THR A 265 40.15 -30.91 -4.87
N VAL A 266 41.13 -30.12 -5.32
CA VAL A 266 41.36 -28.85 -4.66
C VAL A 266 40.16 -27.94 -4.83
N LEU A 267 39.43 -28.07 -5.95
CA LEU A 267 38.24 -27.24 -6.09
C LEU A 267 37.16 -27.67 -5.10
N VAL A 268 36.90 -28.98 -5.01
CA VAL A 268 35.98 -29.46 -3.98
C VAL A 268 36.43 -29.05 -2.59
N HIS A 269 37.73 -29.14 -2.29
CA HIS A 269 38.20 -28.60 -1.00
C HIS A 269 37.87 -27.13 -0.89
N ARG A 270 38.22 -26.36 -1.91
CA ARG A 270 37.96 -24.92 -1.86
C ARG A 270 36.49 -24.61 -1.69
N VAL A 271 35.61 -25.38 -2.34
CA VAL A 271 34.18 -25.17 -2.21
C VAL A 271 33.71 -25.59 -0.81
N HIS A 272 33.97 -26.84 -0.42
CA HIS A 272 33.46 -27.29 0.87
C HIS A 272 33.98 -26.41 2.01
N SER A 273 35.21 -25.91 1.91
CA SER A 273 35.71 -24.99 2.93
C SER A 273 34.93 -23.68 2.88
N TYR A 274 34.83 -23.06 1.69
CA TYR A 274 34.04 -21.85 1.51
C TYR A 274 32.64 -21.93 2.12
N LEU A 275 31.93 -23.02 1.86
CA LEU A 275 30.57 -23.12 2.37
C LEU A 275 30.57 -23.27 3.89
N GLU A 276 31.29 -24.29 4.41
CA GLU A 276 31.35 -24.52 5.86
C GLU A 276 31.70 -23.24 6.61
N ARG A 277 32.60 -22.45 6.03
CA ARG A 277 33.10 -21.27 6.71
C ARG A 277 32.02 -20.22 6.79
N HIS A 278 31.35 -19.95 5.69
CA HIS A 278 30.25 -18.98 5.74
C HIS A 278 28.93 -19.63 6.07
N GLY A 279 28.96 -20.75 6.78
CA GLY A 279 27.77 -21.30 7.42
C GLY A 279 26.63 -21.59 6.48
N LEU A 280 26.90 -21.88 5.21
CA LEU A 280 25.87 -22.42 4.33
C LEU A 280 25.70 -23.92 4.53
N ILE A 281 26.62 -24.56 5.23
CA ILE A 281 26.53 -25.97 5.57
C ILE A 281 27.11 -26.15 6.96
N ASN A 282 26.71 -27.24 7.62
CA ASN A 282 27.23 -27.59 8.93
C ASN A 282 27.06 -26.42 9.91
N PHE A 283 25.80 -26.04 10.09
CA PHE A 283 25.40 -24.95 11.01
C PHE A 283 24.12 -25.38 11.71
N GLY A 284 23.94 -25.02 12.96
CA GLY A 284 22.72 -25.49 13.63
C GLY A 284 23.08 -26.52 14.67
N ILE A 285 22.32 -27.60 14.78
CA ILE A 285 22.67 -28.58 15.85
C ILE A 285 23.73 -29.58 15.37
N TYR A 286 23.33 -30.64 14.67
CA TYR A 286 24.11 -31.75 14.00
C TYR A 286 25.25 -32.45 14.76
N LYS A 287 25.18 -33.78 14.80
CA LYS A 287 26.26 -34.60 15.41
C LYS A 287 27.55 -34.34 14.64
N ARG A 288 28.69 -34.26 15.34
CA ARG A 288 29.96 -33.89 14.68
C ARG A 288 30.78 -35.13 14.35
N ILE A 289 30.98 -35.40 13.07
CA ILE A 289 31.82 -36.51 12.66
C ILE A 289 33.22 -36.35 13.22
N LYS A 290 33.80 -35.15 13.12
CA LYS A 290 35.17 -34.93 13.57
C LYS A 290 35.10 -34.11 14.85
N PRO A 291 35.00 -34.74 16.06
CA PRO A 291 34.87 -33.93 17.28
C PRO A 291 35.94 -32.84 17.41
N LEU A 292 35.52 -31.75 18.06
CA LEU A 292 36.26 -30.48 18.25
C LEU A 292 37.71 -30.67 18.66
N PRO A 293 38.60 -29.75 18.23
CA PRO A 293 40.01 -29.83 18.53
C PRO A 293 40.27 -29.71 20.03
N THR A 294 41.30 -30.42 20.48
CA THR A 294 41.70 -30.42 21.89
C THR A 294 42.09 -29.01 22.28
N LYS A 295 42.85 -28.32 21.43
CA LYS A 295 43.29 -26.95 21.80
C LYS A 295 42.65 -25.94 20.86
N LYS A 296 41.98 -24.97 21.46
CA LYS A 296 41.28 -23.88 20.76
C LYS A 296 42.28 -22.81 20.36
N THR A 297 41.92 -21.96 19.42
CA THR A 297 42.85 -20.88 19.04
C THR A 297 42.06 -19.60 19.02
N GLY A 298 42.46 -18.56 19.75
CA GLY A 298 41.71 -17.29 19.69
C GLY A 298 40.65 -17.20 20.76
N LYS A 299 40.19 -16.00 21.07
CA LYS A 299 39.19 -15.80 22.13
C LYS A 299 38.27 -14.65 21.76
N VAL A 300 37.01 -14.97 21.53
CA VAL A 300 36.00 -13.97 21.20
C VAL A 300 34.95 -13.92 22.29
N ILE A 301 34.66 -12.71 22.73
CA ILE A 301 33.54 -12.41 23.61
C ILE A 301 32.37 -11.98 22.74
N ILE A 302 31.20 -12.54 23.02
CA ILE A 302 29.95 -12.21 22.33
C ILE A 302 29.02 -11.54 23.31
N ILE A 303 28.52 -10.35 22.94
CA ILE A 303 27.63 -9.59 23.79
C ILE A 303 26.19 -9.91 23.43
N GLY A 304 25.54 -10.67 24.30
CA GLY A 304 24.13 -10.96 24.15
C GLY A 304 23.96 -12.37 23.68
N SER A 305 23.17 -13.18 24.38
CA SER A 305 22.86 -14.49 23.81
C SER A 305 21.53 -14.46 23.11
N GLY A 306 21.22 -13.34 22.46
CA GLY A 306 20.17 -13.35 21.47
C GLY A 306 20.54 -14.30 20.35
N VAL A 307 19.54 -14.57 19.50
CA VAL A 307 19.66 -15.64 18.51
C VAL A 307 20.86 -15.42 17.62
N SER A 308 21.06 -14.18 17.12
CA SER A 308 22.28 -13.92 16.38
C SER A 308 23.50 -14.32 17.22
N GLY A 309 23.54 -13.84 18.47
CA GLY A 309 24.62 -14.23 19.37
C GLY A 309 24.91 -15.72 19.36
N LEU A 310 23.89 -16.55 19.64
CA LEU A 310 24.16 -17.99 19.72
C LEU A 310 24.60 -18.53 18.38
N ALA A 311 24.13 -17.93 17.30
CA ALA A 311 24.45 -18.43 15.97
C ALA A 311 25.95 -18.33 15.69
N ALA A 312 26.50 -17.12 15.84
CA ALA A 312 27.96 -16.96 15.74
C ALA A 312 28.67 -17.92 16.70
N ALA A 313 28.29 -17.85 17.98
CA ALA A 313 28.96 -18.63 19.02
C ALA A 313 29.13 -20.09 18.64
N ARG A 314 28.03 -20.78 18.34
CA ARG A 314 28.11 -22.18 17.91
C ARG A 314 29.04 -22.33 16.74
N GLN A 315 29.03 -21.35 15.84
CA GLN A 315 29.84 -21.46 14.63
C GLN A 315 31.30 -21.26 14.97
N LEU A 316 31.60 -20.19 15.70
CA LEU A 316 32.97 -19.93 16.11
C LEU A 316 33.54 -21.11 16.90
N GLN A 317 32.80 -21.56 17.93
CA GLN A 317 33.16 -22.79 18.61
C GLN A 317 33.28 -23.96 17.64
N SER A 318 32.38 -24.05 16.65
CA SER A 318 32.48 -25.11 15.65
C SER A 318 33.82 -25.05 14.93
N PHE A 319 34.41 -23.84 14.84
CA PHE A 319 35.61 -23.54 14.07
C PHE A 319 36.90 -23.66 14.90
N GLY A 320 36.85 -24.35 16.04
CA GLY A 320 37.95 -24.38 16.97
C GLY A 320 38.30 -23.07 17.66
N MET A 321 37.32 -22.25 18.02
CA MET A 321 37.66 -21.04 18.74
C MET A 321 37.08 -21.08 20.14
N ASP A 322 37.56 -20.15 20.96
CA ASP A 322 37.12 -20.02 22.35
C ASP A 322 36.06 -18.92 22.39
N VAL A 323 34.83 -19.29 22.74
CA VAL A 323 33.70 -18.37 22.65
C VAL A 323 33.10 -18.19 24.04
N THR A 324 32.86 -16.95 24.42
CA THR A 324 32.07 -16.69 25.61
C THR A 324 31.04 -15.60 25.36
N LEU A 325 29.80 -15.92 25.75
CA LEU A 325 28.58 -15.16 25.57
C LEU A 325 28.22 -14.50 26.89
N LEU A 326 27.98 -13.20 26.86
CA LEU A 326 27.61 -12.40 28.04
C LEU A 326 26.17 -11.95 27.92
N GLU A 327 25.28 -12.44 28.77
CA GLU A 327 23.85 -12.09 28.65
C GLU A 327 23.39 -11.30 29.86
N ALA A 328 22.79 -10.14 29.64
CA ALA A 328 22.29 -9.33 30.78
C ALA A 328 21.10 -10.03 31.40
N ARG A 329 20.33 -10.75 30.61
CA ARG A 329 19.13 -11.45 31.11
C ARG A 329 19.47 -12.69 31.91
N ASP A 330 18.45 -13.27 32.52
CA ASP A 330 18.61 -14.53 33.29
C ASP A 330 18.14 -15.68 32.42
N ARG A 331 17.95 -15.43 31.12
CA ARG A 331 17.54 -16.46 30.15
C ARG A 331 18.09 -16.05 28.79
N VAL A 332 18.18 -17.02 27.89
CA VAL A 332 18.69 -16.82 26.50
C VAL A 332 17.54 -16.41 25.58
N GLY A 333 17.83 -16.20 24.31
CA GLY A 333 16.75 -15.98 23.32
C GLY A 333 16.48 -14.54 23.01
N GLY A 334 16.88 -13.61 23.87
CA GLY A 334 16.69 -12.21 23.50
C GLY A 334 15.24 -11.89 23.18
N ARG A 335 15.01 -11.39 21.98
CA ARG A 335 13.64 -11.04 21.54
C ARG A 335 12.84 -12.31 21.34
N VAL A 336 13.47 -13.46 21.23
CA VAL A 336 12.71 -14.72 21.25
C VAL A 336 12.44 -15.11 22.70
N ALA A 337 11.25 -14.76 23.16
CA ALA A 337 10.79 -14.96 24.53
C ALA A 337 9.51 -15.77 24.49
N THR A 338 9.48 -16.85 25.25
CA THR A 338 8.30 -17.71 25.31
C THR A 338 7.84 -17.75 26.75
N PHE A 339 6.55 -17.65 26.97
CA PHE A 339 6.00 -17.67 28.33
C PHE A 339 5.49 -19.07 28.60
N ARG A 340 5.96 -19.74 29.65
CA ARG A 340 5.41 -21.07 29.94
C ARG A 340 4.96 -21.10 31.39
N LYS A 341 3.69 -21.41 31.62
CA LYS A 341 3.17 -21.58 32.99
C LYS A 341 2.19 -22.74 32.89
N GLY A 342 2.31 -23.74 33.76
CA GLY A 342 1.40 -24.89 33.68
C GLY A 342 1.50 -25.47 32.30
N ASN A 343 0.38 -25.60 31.64
CA ASN A 343 0.39 -26.05 30.22
C ASN A 343 0.22 -24.82 29.34
N TYR A 344 0.09 -23.64 29.91
CA TYR A 344 -0.04 -22.46 29.03
C TYR A 344 1.32 -22.18 28.41
N VAL A 345 1.34 -21.82 27.13
CA VAL A 345 2.60 -21.48 26.41
C VAL A 345 2.30 -20.34 25.44
N ALA A 346 3.11 -19.29 25.40
CA ALA A 346 2.80 -18.20 24.45
C ALA A 346 4.02 -17.31 24.21
N ASP A 347 4.38 -17.07 22.97
CA ASP A 347 5.52 -16.20 22.74
C ASP A 347 5.12 -14.74 22.89
N LEU A 348 5.88 -14.04 23.73
CA LEU A 348 5.86 -12.58 23.81
C LEU A 348 6.75 -11.96 22.74
N GLY A 349 7.58 -12.79 22.12
CA GLY A 349 8.55 -12.28 21.14
C GLY A 349 8.14 -12.58 19.72
N ALA A 350 9.07 -12.96 18.88
CA ALA A 350 8.67 -13.28 17.50
C ALA A 350 7.96 -14.62 17.55
N MET A 351 6.91 -14.80 16.76
CA MET A 351 6.23 -16.11 16.84
C MET A 351 5.90 -16.64 15.46
N VAL A 352 6.42 -16.07 14.40
CA VAL A 352 6.03 -16.62 13.08
C VAL A 352 7.25 -16.98 12.26
N VAL A 353 7.14 -18.03 11.45
CA VAL A 353 8.23 -18.41 10.51
C VAL A 353 7.71 -17.95 9.16
N THR A 354 8.26 -16.89 8.64
CA THR A 354 7.65 -16.28 7.47
C THR A 354 7.97 -17.07 6.20
N GLY A 355 7.67 -18.37 6.21
CA GLY A 355 7.69 -19.20 5.02
C GLY A 355 8.96 -20.00 4.87
N LEU A 356 8.86 -21.29 4.55
CA LEU A 356 10.07 -22.12 4.50
C LEU A 356 10.82 -22.08 3.16
N GLY A 357 10.32 -21.35 2.15
CA GLY A 357 11.03 -21.34 0.89
C GLY A 357 12.28 -20.49 0.94
N GLY A 358 13.45 -21.13 1.02
CA GLY A 358 14.67 -20.39 1.28
C GLY A 358 14.86 -19.95 2.72
N ASN A 359 14.22 -20.63 3.68
CA ASN A 359 14.38 -20.25 5.07
C ASN A 359 15.42 -21.12 5.72
N PRO A 360 16.44 -20.53 6.36
CA PRO A 360 17.35 -21.35 7.16
C PRO A 360 16.66 -21.95 8.36
N MET A 361 15.57 -21.35 8.85
CA MET A 361 14.81 -21.99 9.93
C MET A 361 14.30 -23.34 9.50
N ALA A 362 14.08 -23.52 8.19
CA ALA A 362 13.70 -24.82 7.68
C ALA A 362 14.73 -25.87 8.06
N VAL A 363 16.02 -25.55 7.95
CA VAL A 363 17.07 -26.48 8.37
C VAL A 363 17.00 -26.72 9.87
N VAL A 364 16.77 -25.66 10.64
CA VAL A 364 16.73 -25.79 12.09
C VAL A 364 15.57 -26.68 12.52
N SER A 365 14.42 -26.52 11.87
CA SER A 365 13.25 -27.33 12.18
C SER A 365 13.57 -28.82 12.03
N LYS A 366 14.31 -29.14 10.99
CA LYS A 366 14.62 -30.57 10.84
C LYS A 366 15.51 -30.92 12.00
N GLN A 367 16.36 -29.99 12.39
CA GLN A 367 17.35 -30.28 13.46
C GLN A 367 16.66 -30.26 14.82
N VAL A 368 16.21 -29.10 15.23
CA VAL A 368 15.53 -29.02 16.54
C VAL A 368 14.07 -29.35 16.26
N ASN A 369 13.57 -30.50 16.68
CA ASN A 369 12.14 -30.71 16.34
C ASN A 369 11.31 -29.68 17.09
N MET A 370 10.58 -28.86 16.34
CA MET A 370 9.66 -27.86 16.92
C MET A 370 8.37 -28.01 16.16
N GLU A 371 7.23 -27.99 16.86
CA GLU A 371 5.92 -28.18 16.20
C GLU A 371 5.59 -26.93 15.39
N LEU A 372 5.60 -27.03 14.07
CA LEU A 372 5.24 -25.85 13.27
C LEU A 372 3.80 -26.01 12.82
N ALA A 373 2.98 -25.00 13.05
CA ALA A 373 1.56 -25.07 12.65
C ALA A 373 1.30 -24.03 11.59
N LYS A 374 0.61 -24.43 10.53
CA LYS A 374 0.30 -23.54 9.41
C LYS A 374 -0.70 -22.50 9.88
N ILE A 375 -0.64 -21.30 9.33
CA ILE A 375 -1.59 -20.27 9.80
C ILE A 375 -2.66 -20.07 8.74
N LYS A 376 -3.89 -20.45 9.06
CA LYS A 376 -5.01 -20.26 8.13
C LYS A 376 -5.15 -18.75 7.97
N GLN A 377 -4.95 -18.24 6.76
CA GLN A 377 -4.94 -16.78 6.50
C GLN A 377 -6.31 -16.11 6.67
N LYS A 378 -7.41 -16.86 6.63
CA LYS A 378 -8.72 -16.19 6.73
C LYS A 378 -8.81 -15.41 8.04
N CYS A 379 -9.15 -14.14 7.96
CA CYS A 379 -9.29 -13.30 9.16
C CYS A 379 -10.53 -12.44 9.02
N PRO A 380 -11.52 -12.56 9.92
CA PRO A 380 -12.73 -11.77 9.84
C PRO A 380 -12.61 -10.59 10.80
N LEU A 381 -13.04 -9.41 10.38
CA LEU A 381 -12.95 -8.24 11.27
C LEU A 381 -14.28 -8.00 11.95
N TYR A 382 -14.24 -7.41 13.14
CA TYR A 382 -15.41 -7.09 13.93
C TYR A 382 -15.29 -5.66 14.37
N GLU A 383 -16.34 -4.89 14.12
CA GLU A 383 -16.22 -3.52 14.49
C GLU A 383 -16.38 -3.40 16.01
N ALA A 384 -16.17 -2.20 16.52
CA ALA A 384 -16.33 -1.92 17.95
C ALA A 384 -17.73 -2.24 18.44
N ASN A 385 -18.72 -2.10 17.57
CA ASN A 385 -20.09 -2.41 17.94
C ASN A 385 -20.20 -3.87 18.37
N GLY A 386 -19.42 -4.75 17.74
CA GLY A 386 -19.36 -6.14 18.11
C GLY A 386 -19.82 -7.06 17.00
N GLN A 387 -20.01 -6.50 15.81
CA GLN A 387 -20.65 -7.19 14.70
C GLN A 387 -19.68 -7.24 13.54
N ALA A 388 -19.59 -8.43 12.95
CA ALA A 388 -18.66 -8.73 11.86
C ALA A 388 -18.89 -7.82 10.67
N VAL A 389 -17.83 -7.39 10.04
CA VAL A 389 -18.00 -6.56 8.83
C VAL A 389 -18.47 -7.50 7.74
N PRO A 390 -19.43 -7.08 6.90
CA PRO A 390 -19.94 -7.90 5.83
C PRO A 390 -18.85 -8.14 4.79
N LYS A 391 -18.89 -9.28 4.11
CA LYS A 391 -17.83 -9.63 3.15
C LYS A 391 -17.73 -8.58 2.05
N GLU A 392 -18.85 -8.06 1.55
CA GLU A 392 -18.78 -7.10 0.44
C GLU A 392 -17.96 -5.88 0.87
N LYS A 393 -18.22 -5.35 2.06
CA LYS A 393 -17.40 -4.19 2.48
C LYS A 393 -15.97 -4.69 2.71
N ASP A 394 -15.83 -5.84 3.35
CA ASP A 394 -14.49 -6.34 3.74
C ASP A 394 -13.63 -6.49 2.49
N GLU A 395 -14.18 -7.10 1.46
CA GLU A 395 -13.39 -7.23 0.22
C GLU A 395 -13.18 -5.86 -0.39
N MET A 396 -14.20 -5.00 -0.34
CA MET A 396 -14.11 -3.68 -0.99
C MET A 396 -12.99 -2.88 -0.36
N VAL A 397 -12.84 -2.98 0.95
CA VAL A 397 -11.86 -2.13 1.67
C VAL A 397 -10.43 -2.59 1.44
N GLU A 398 -10.19 -3.90 1.51
CA GLU A 398 -8.81 -4.43 1.38
C GLU A 398 -8.26 -4.01 0.04
N GLN A 399 -9.05 -4.17 -1.01
CA GLN A 399 -8.60 -3.83 -2.38
C GLN A 399 -8.22 -2.36 -2.42
N GLU A 400 -9.00 -1.49 -1.82
CA GLU A 400 -8.63 -0.06 -1.86
C GLU A 400 -7.31 0.12 -1.12
N PHE A 401 -7.13 -0.54 0.01
CA PHE A 401 -5.87 -0.37 0.74
C PHE A 401 -4.73 -0.84 -0.14
N ASN A 402 -4.88 -2.00 -0.76
CA ASN A 402 -3.80 -2.54 -1.63
C ASN A 402 -3.57 -1.58 -2.78
N ARG A 403 -4.65 -1.07 -3.35
CA ARG A 403 -4.55 -0.10 -4.46
C ARG A 403 -3.87 1.14 -3.92
N LEU A 404 -4.24 1.56 -2.72
CA LEU A 404 -3.64 2.80 -2.20
C LEU A 404 -2.13 2.64 -2.07
N LEU A 405 -1.68 1.50 -1.56
CA LEU A 405 -0.24 1.27 -1.38
C LEU A 405 0.46 1.48 -2.71
N GLU A 406 0.08 0.68 -3.71
CA GLU A 406 0.61 0.84 -5.07
C GLU A 406 0.68 2.30 -5.48
N ALA A 407 -0.37 3.08 -5.15
CA ALA A 407 -0.36 4.49 -5.50
C ALA A 407 0.89 5.17 -4.95
N THR A 408 1.18 4.97 -3.66
CA THR A 408 2.38 5.57 -3.08
C THR A 408 3.63 5.18 -3.87
N SER A 409 3.74 3.89 -4.24
CA SER A 409 4.88 3.46 -5.04
C SER A 409 4.98 4.30 -6.31
N TYR A 410 3.84 4.52 -6.97
CA TYR A 410 3.79 5.39 -8.14
C TYR A 410 4.37 6.77 -7.81
N LEU A 411 3.92 7.37 -6.70
CA LEU A 411 4.46 8.65 -6.27
C LEU A 411 5.96 8.59 -6.08
N SER A 412 6.44 7.51 -5.44
CA SER A 412 7.84 7.43 -5.08
C SER A 412 8.72 7.26 -6.32
N HIS A 413 8.43 6.23 -7.13
CA HIS A 413 9.34 5.81 -8.19
C HIS A 413 9.08 6.50 -9.52
N GLN A 414 7.87 6.97 -9.77
CA GLN A 414 7.56 7.58 -11.05
C GLN A 414 7.42 9.09 -11.02
N LEU A 415 7.22 9.70 -9.85
CA LEU A 415 7.03 11.14 -9.74
C LEU A 415 8.04 11.80 -8.80
N ASP A 416 9.06 11.05 -8.35
CA ASP A 416 10.14 11.58 -7.47
C ASP A 416 9.54 12.37 -6.30
N PHE A 417 8.47 11.83 -5.73
CA PHE A 417 7.91 12.38 -4.50
C PHE A 417 8.69 11.77 -3.33
N ASN A 418 9.84 12.37 -3.01
CA ASN A 418 10.63 11.86 -1.90
C ASN A 418 11.24 12.95 -1.02
N VAL A 419 11.07 14.23 -1.36
CA VAL A 419 11.47 15.34 -0.50
C VAL A 419 10.30 16.30 -0.40
N LEU A 420 10.20 17.02 0.72
CA LEU A 420 9.13 18.01 0.82
C LEU A 420 9.42 19.02 1.93
N ASN A 421 9.62 20.28 1.55
CA ASN A 421 10.24 21.32 2.36
C ASN A 421 11.53 20.82 3.00
N ASN A 422 12.41 20.27 2.16
CA ASN A 422 13.75 19.81 2.50
C ASN A 422 13.76 18.60 3.43
N LYS A 423 12.61 17.98 3.69
CA LYS A 423 12.49 16.81 4.55
C LYS A 423 12.08 15.58 3.74
N PRO A 424 12.34 14.38 4.25
CA PRO A 424 11.99 13.17 3.48
C PRO A 424 10.56 12.70 3.70
N VAL A 425 9.93 12.28 2.62
CA VAL A 425 8.52 11.89 2.64
C VAL A 425 8.36 10.52 3.28
N SER A 426 7.45 10.42 4.24
CA SER A 426 7.18 9.11 4.83
C SER A 426 6.03 8.44 4.09
N LEU A 427 5.91 7.13 4.32
CA LEU A 427 4.80 6.40 3.73
C LEU A 427 3.47 7.01 4.18
N GLY A 428 3.37 7.37 5.46
CA GLY A 428 2.16 8.03 5.95
C GLY A 428 1.83 9.28 5.17
N GLN A 429 2.83 10.17 4.97
CA GLN A 429 2.60 11.36 4.15
C GLN A 429 2.10 10.97 2.77
N ALA A 430 2.73 9.99 2.13
CA ALA A 430 2.30 9.61 0.79
C ALA A 430 0.93 8.96 0.79
N LEU A 431 0.50 8.38 1.90
CA LEU A 431 -0.86 7.84 1.96
C LEU A 431 -1.90 8.96 2.02
N GLU A 432 -1.74 9.90 2.96
CA GLU A 432 -2.65 11.03 3.02
C GLU A 432 -2.75 11.72 1.66
N VAL A 433 -1.61 12.10 1.07
CA VAL A 433 -1.66 12.81 -0.22
C VAL A 433 -2.33 11.98 -1.30
N VAL A 434 -2.22 10.65 -1.24
CA VAL A 434 -2.99 9.84 -2.18
C VAL A 434 -4.47 9.92 -1.87
N ILE A 435 -4.87 9.56 -0.65
CA ILE A 435 -6.28 9.68 -0.25
C ILE A 435 -6.80 11.07 -0.58
N GLN A 436 -6.06 12.11 -0.21
CA GLN A 436 -6.50 13.47 -0.53
C GLN A 436 -6.74 13.64 -2.03
N LEU A 437 -5.77 13.27 -2.87
CA LEU A 437 -5.97 13.45 -4.30
C LEU A 437 -7.18 12.71 -4.81
N GLN A 438 -7.56 11.62 -4.17
CA GLN A 438 -8.72 10.91 -4.64
C GLN A 438 -10.00 11.58 -4.17
N GLU A 439 -10.08 11.91 -2.87
CA GLU A 439 -11.19 12.74 -2.38
C GLU A 439 -11.41 13.92 -3.32
N LYS A 440 -10.36 14.72 -3.55
CA LYS A 440 -10.42 15.80 -4.53
C LYS A 440 -11.07 15.33 -5.83
N HIS A 441 -10.66 14.18 -6.34
CA HIS A 441 -11.18 13.74 -7.62
C HIS A 441 -12.67 13.38 -7.57
N VAL A 442 -13.17 12.86 -6.44
CA VAL A 442 -14.62 12.72 -6.26
C VAL A 442 -15.31 14.06 -6.46
N LYS A 443 -14.89 15.07 -5.68
CA LYS A 443 -15.42 16.42 -5.84
C LYS A 443 -15.24 16.89 -7.27
N ASP A 444 -14.18 16.45 -7.91
CA ASP A 444 -14.02 16.94 -9.29
C ASP A 444 -15.12 16.31 -10.14
N GLU A 445 -15.40 15.03 -9.92
CA GLU A 445 -16.43 14.38 -10.75
C GLU A 445 -17.78 15.03 -10.50
N GLN A 446 -18.11 15.31 -9.24
CA GLN A 446 -19.45 15.85 -8.95
C GLN A 446 -19.62 17.17 -9.65
N ILE A 447 -18.61 18.02 -9.61
CA ILE A 447 -18.72 19.35 -10.28
C ILE A 447 -18.94 19.14 -11.77
N GLU A 448 -18.25 18.20 -12.39
CA GLU A 448 -18.52 18.01 -13.84
C GLU A 448 -19.98 17.58 -14.00
N HIS A 449 -20.47 16.67 -13.18
CA HIS A 449 -21.86 16.18 -13.36
C HIS A 449 -22.84 17.33 -13.15
N TRP A 450 -22.70 18.06 -12.06
CA TRP A 450 -23.69 19.13 -11.84
C TRP A 450 -23.53 20.22 -12.88
N LYS A 451 -22.32 20.50 -13.34
CA LYS A 451 -22.18 21.53 -14.39
C LYS A 451 -22.95 21.07 -15.63
N LYS A 452 -22.90 19.79 -15.99
CA LYS A 452 -23.72 19.30 -17.12
C LYS A 452 -25.18 19.67 -16.85
N ILE A 453 -25.63 19.59 -15.61
CA ILE A 453 -27.04 19.90 -15.40
C ILE A 453 -27.32 21.36 -15.75
N VAL A 454 -26.56 22.29 -15.14
CA VAL A 454 -26.84 23.71 -15.40
C VAL A 454 -26.63 24.03 -16.88
N LYS A 455 -25.83 23.24 -17.58
CA LYS A 455 -25.68 23.54 -19.01
C LYS A 455 -27.02 23.26 -19.67
N THR A 456 -27.60 22.11 -19.37
CA THR A 456 -28.92 21.82 -19.98
C THR A 456 -29.99 22.76 -19.45
N GLN A 457 -30.02 23.05 -18.15
CA GLN A 457 -31.12 23.90 -17.61
C GLN A 457 -31.06 25.26 -18.27
N GLU A 458 -29.88 25.82 -18.45
CA GLU A 458 -29.82 27.10 -19.19
C GLU A 458 -30.32 26.87 -20.61
N GLU A 459 -29.99 25.77 -21.27
CA GLU A 459 -30.57 25.60 -22.63
C GLU A 459 -32.08 25.50 -22.47
N LEU A 460 -32.54 24.70 -21.52
CA LEU A 460 -33.99 24.52 -21.40
C LEU A 460 -34.64 25.85 -21.05
N LYS A 461 -34.07 26.57 -20.10
CA LYS A 461 -34.69 27.84 -19.68
C LYS A 461 -34.69 28.77 -20.89
N GLU A 462 -33.59 28.84 -21.62
CA GLU A 462 -33.57 29.69 -22.83
C GLU A 462 -34.60 29.16 -23.82
N LEU A 463 -34.72 27.84 -23.97
CA LEU A 463 -35.72 27.31 -24.92
C LEU A 463 -37.11 27.73 -24.49
N LEU A 464 -37.42 27.70 -23.20
CA LEU A 464 -38.81 28.07 -22.80
C LEU A 464 -39.12 29.49 -23.25
N ASN A 465 -38.31 30.48 -22.84
CA ASN A 465 -38.41 31.85 -23.34
C ASN A 465 -38.77 31.91 -24.81
N LYS A 466 -38.09 31.15 -25.67
CA LYS A 466 -38.52 31.21 -27.07
C LYS A 466 -39.94 30.67 -27.26
N MET A 467 -40.42 29.82 -26.35
CA MET A 467 -41.76 29.25 -26.51
C MET A 467 -42.88 30.14 -25.97
N VAL A 468 -42.71 30.74 -24.80
CA VAL A 468 -43.59 31.84 -24.43
C VAL A 468 -43.69 32.84 -25.57
N ASN A 469 -42.56 33.43 -25.95
CA ASN A 469 -42.59 34.50 -26.93
C ASN A 469 -43.00 34.01 -28.31
N LEU A 470 -43.03 32.70 -28.52
CA LEU A 470 -43.69 32.18 -29.70
C LEU A 470 -45.18 32.10 -29.48
N LYS A 471 -45.59 31.60 -28.31
CA LYS A 471 -47.01 31.45 -28.05
C LYS A 471 -47.73 32.79 -28.12
N GLU A 472 -47.18 33.82 -27.47
CA GLU A 472 -47.80 35.13 -27.50
C GLU A 472 -47.84 35.73 -28.90
N LYS A 473 -46.84 35.43 -29.73
CA LYS A 473 -46.99 35.77 -31.15
C LYS A 473 -48.14 34.98 -31.77
N ILE A 474 -48.34 33.72 -31.39
CA ILE A 474 -49.45 32.95 -31.93
C ILE A 474 -50.77 33.47 -31.39
N LYS A 475 -50.81 33.74 -30.08
CA LYS A 475 -51.99 34.36 -29.49
C LYS A 475 -52.43 35.59 -30.30
N GLU A 476 -51.50 36.49 -30.59
CA GLU A 476 -51.82 37.76 -31.25
C GLU A 476 -52.31 37.53 -32.67
N LEU A 477 -51.58 36.75 -33.46
CA LEU A 477 -52.01 36.48 -34.83
C LEU A 477 -53.40 35.87 -34.86
N HIS A 478 -53.60 34.78 -34.11
CA HIS A 478 -54.89 34.10 -34.14
C HIS A 478 -56.04 35.08 -33.92
N GLN A 479 -55.86 36.05 -33.02
CA GLN A 479 -56.82 37.14 -32.90
C GLN A 479 -57.00 37.85 -34.24
N GLN A 480 -55.89 38.29 -34.83
CA GLN A 480 -55.97 38.99 -36.10
C GLN A 480 -56.67 38.14 -37.15
N TYR A 481 -56.43 36.82 -37.14
CA TYR A 481 -57.09 35.95 -38.10
C TYR A 481 -58.59 35.89 -37.83
N LYS A 482 -58.98 35.73 -36.57
CA LYS A 482 -60.40 35.71 -36.25
C LYS A 482 -61.07 37.02 -36.64
N GLU A 483 -60.35 38.12 -36.41
CA GLU A 483 -60.85 39.47 -36.73
C GLU A 483 -60.95 39.62 -38.24
N ALA A 484 -59.90 39.24 -38.95
CA ALA A 484 -59.87 39.36 -40.42
C ALA A 484 -60.94 38.45 -41.01
N SER A 485 -61.15 37.27 -40.43
CA SER A 485 -62.19 36.33 -40.89
C SER A 485 -63.60 36.93 -40.75
N GLU A 486 -63.82 37.82 -39.78
CA GLU A 486 -65.15 38.43 -39.57
C GLU A 486 -65.57 39.20 -40.82
N VAL A 487 -64.66 39.88 -41.53
CA VAL A 487 -65.10 40.55 -42.78
C VAL A 487 -65.65 39.41 -43.62
N LYS A 488 -66.87 39.56 -44.10
CA LYS A 488 -67.53 38.39 -44.71
C LYS A 488 -67.46 38.43 -46.23
N PRO A 489 -67.37 37.25 -46.84
CA PRO A 489 -67.27 37.12 -48.26
C PRO A 489 -68.60 37.54 -48.90
N PRO A 490 -68.61 38.15 -50.09
CA PRO A 490 -67.47 38.15 -50.98
C PRO A 490 -66.65 39.42 -50.66
N ARG A 491 -65.37 39.20 -50.45
CA ARG A 491 -64.48 40.32 -50.08
C ARG A 491 -63.51 40.54 -51.23
N ASP A 492 -62.99 41.74 -51.32
CA ASP A 492 -62.01 42.04 -52.36
C ASP A 492 -60.67 41.44 -51.96
N ILE A 493 -59.80 41.30 -52.94
CA ILE A 493 -58.81 40.25 -52.81
C ILE A 493 -57.72 40.61 -51.82
N THR A 494 -57.53 41.90 -51.49
CA THR A 494 -56.62 42.23 -50.40
C THR A 494 -57.16 41.67 -49.08
N ALA A 495 -58.44 41.91 -48.81
CA ALA A 495 -59.05 41.29 -47.64
C ALA A 495 -58.99 39.77 -47.70
N GLU A 496 -59.04 39.19 -48.91
CA GLU A 496 -58.94 37.74 -49.00
C GLU A 496 -57.51 37.29 -48.73
N PHE A 497 -56.54 38.06 -49.23
CA PHE A 497 -55.15 37.78 -48.91
C PHE A 497 -54.94 37.78 -47.41
N LEU A 498 -55.45 38.82 -46.72
CA LEU A 498 -55.20 38.95 -45.30
C LEU A 498 -55.88 37.86 -44.47
N VAL A 499 -56.92 37.19 -44.98
CA VAL A 499 -57.31 35.95 -44.33
C VAL A 499 -56.29 34.86 -44.59
N LYS A 500 -56.03 34.57 -45.85
CA LYS A 500 -55.11 33.44 -46.11
C LYS A 500 -53.73 33.80 -45.60
N SER A 501 -53.35 35.07 -45.71
CA SER A 501 -51.98 35.45 -45.30
C SER A 501 -51.78 35.13 -43.83
N LYS A 502 -52.74 35.50 -42.99
CA LYS A 502 -52.57 35.23 -41.55
C LYS A 502 -52.55 33.72 -41.32
N HIS A 503 -53.33 32.95 -42.06
CA HIS A 503 -53.34 31.49 -41.85
C HIS A 503 -51.93 30.91 -42.10
N ARG A 504 -51.22 31.37 -43.11
CA ARG A 504 -49.88 30.77 -43.25
C ARG A 504 -49.04 31.18 -42.04
N ASP A 505 -49.12 32.45 -41.65
CA ASP A 505 -48.25 32.90 -40.54
C ASP A 505 -48.59 32.09 -39.29
N LEU A 506 -49.86 31.96 -38.97
CA LEU A 506 -50.17 31.23 -37.72
C LEU A 506 -49.73 29.78 -37.84
N THR A 507 -49.95 29.16 -38.98
CA THR A 507 -49.54 27.75 -39.04
C THR A 507 -48.02 27.72 -38.94
N ALA A 508 -47.39 28.66 -39.64
CA ALA A 508 -45.93 28.72 -39.65
C ALA A 508 -45.37 28.80 -38.23
N LEU A 509 -45.95 29.66 -37.41
CA LEU A 509 -45.55 29.70 -36.01
C LEU A 509 -46.03 28.48 -35.24
N CYS A 510 -47.04 27.77 -35.72
CA CYS A 510 -47.47 26.57 -34.99
C CYS A 510 -46.54 25.40 -35.24
N LYS A 511 -46.04 25.24 -36.47
CA LYS A 511 -45.04 24.21 -36.69
C LYS A 511 -43.75 24.54 -35.95
N GLU A 512 -43.39 25.82 -35.84
CA GLU A 512 -42.26 26.16 -34.98
C GLU A 512 -42.54 25.60 -33.59
N TYR A 513 -43.55 26.15 -32.91
CA TYR A 513 -43.81 25.77 -31.52
C TYR A 513 -43.88 24.27 -31.29
N ASP A 514 -44.08 23.46 -32.32
CA ASP A 514 -44.06 22.03 -32.05
C ASP A 514 -42.65 21.47 -32.12
N GLU A 515 -41.82 21.98 -33.03
CA GLU A 515 -40.40 21.65 -33.01
C GLU A 515 -39.77 22.08 -31.69
N LEU A 516 -40.21 23.20 -31.13
CA LEU A 516 -39.64 23.65 -29.86
C LEU A 516 -40.13 22.79 -28.71
N ALA A 517 -41.39 22.42 -28.71
CA ALA A 517 -41.91 21.53 -27.68
C ALA A 517 -41.50 20.07 -27.92
N GLU A 518 -40.77 19.81 -28.99
CA GLU A 518 -40.14 18.51 -29.18
C GLU A 518 -38.66 18.50 -28.83
N THR A 519 -37.96 19.61 -29.07
CA THR A 519 -36.64 19.79 -28.46
C THR A 519 -36.74 19.85 -26.94
N GLN A 520 -37.71 20.59 -26.40
CA GLN A 520 -38.15 20.34 -25.02
C GLN A 520 -38.26 18.87 -24.64
N GLY A 521 -38.95 18.07 -25.43
CA GLY A 521 -39.14 16.68 -25.06
C GLY A 521 -37.83 15.96 -24.81
N LYS A 522 -36.87 16.16 -25.72
CA LYS A 522 -35.56 15.50 -25.65
C LYS A 522 -34.75 15.98 -24.44
N LEU A 523 -34.72 17.30 -24.20
CA LEU A 523 -33.98 17.85 -23.08
C LEU A 523 -34.66 17.64 -21.75
N GLU A 524 -35.92 17.25 -21.75
CA GLU A 524 -36.58 17.10 -20.47
C GLU A 524 -36.33 15.69 -19.93
N GLU A 525 -35.90 14.78 -20.80
CA GLU A 525 -35.47 13.44 -20.42
C GLU A 525 -33.96 13.33 -20.24
N LYS A 526 -33.16 14.01 -21.06
CA LYS A 526 -31.73 14.17 -20.77
C LYS A 526 -31.49 14.70 -19.36
N LEU A 527 -32.53 15.24 -18.71
CA LEU A 527 -32.43 15.72 -17.34
C LEU A 527 -32.80 14.66 -16.30
N GLN A 528 -33.77 13.78 -16.59
CA GLN A 528 -33.88 12.67 -15.67
C GLN A 528 -32.81 11.61 -15.95
N GLU A 529 -32.14 11.69 -17.08
CA GLU A 529 -31.05 10.69 -17.21
C GLU A 529 -29.99 11.10 -16.19
N LEU A 530 -29.62 12.37 -16.18
CA LEU A 530 -28.55 12.83 -15.28
C LEU A 530 -28.95 12.60 -13.83
N GLU A 531 -30.19 12.85 -13.45
CA GLU A 531 -30.56 12.58 -12.03
C GLU A 531 -30.44 11.08 -11.75
N ALA A 532 -30.79 10.23 -12.72
CA ALA A 532 -30.70 8.77 -12.57
C ALA A 532 -29.25 8.31 -12.40
N ASN A 533 -28.28 9.00 -13.01
CA ASN A 533 -26.91 8.44 -12.90
C ASN A 533 -25.93 9.47 -12.33
N PRO A 534 -26.01 9.77 -11.02
CA PRO A 534 -25.07 10.67 -10.38
C PRO A 534 -23.83 9.87 -9.98
N PRO A 535 -22.67 10.51 -9.72
CA PRO A 535 -21.45 9.80 -9.33
C PRO A 535 -21.39 9.44 -7.84
N SER A 536 -20.23 9.00 -7.34
CA SER A 536 -20.25 8.51 -5.98
C SER A 536 -20.27 9.68 -5.00
N ASP A 537 -21.06 9.52 -3.93
CA ASP A 537 -21.29 10.61 -2.99
C ASP A 537 -19.97 11.14 -2.42
N VAL A 538 -19.19 10.22 -1.86
CA VAL A 538 -17.93 10.54 -1.16
C VAL A 538 -16.90 9.48 -1.50
N TYR A 539 -15.62 9.83 -1.50
CA TYR A 539 -14.64 8.75 -1.76
C TYR A 539 -14.78 7.77 -0.61
N LEU A 540 -14.71 8.27 0.62
CA LEU A 540 -14.81 7.37 1.78
C LEU A 540 -15.53 8.03 2.96
N SER A 541 -16.50 7.29 3.46
CA SER A 541 -17.39 7.51 4.63
C SER A 541 -16.65 7.18 5.92
N SER A 542 -17.24 7.51 7.04
CA SER A 542 -16.57 7.20 8.32
C SER A 542 -16.44 5.69 8.51
N ARG A 543 -17.43 4.90 8.15
CA ARG A 543 -17.27 3.45 8.41
C ARG A 543 -16.11 2.93 7.59
N ASP A 544 -16.02 3.33 6.34
CA ASP A 544 -14.91 2.85 5.48
C ASP A 544 -13.59 3.22 6.12
N ARG A 545 -13.33 4.52 6.28
CA ARG A 545 -12.04 4.88 6.87
C ARG A 545 -11.79 4.13 8.17
N GLN A 546 -12.82 3.72 8.90
CA GLN A 546 -12.56 2.95 10.10
C GLN A 546 -12.08 1.54 9.80
N ILE A 547 -12.47 0.94 8.66
CA ILE A 547 -11.94 -0.39 8.35
C ILE A 547 -10.56 -0.25 7.70
N LEU A 548 -10.38 0.80 6.90
CA LEU A 548 -9.10 1.08 6.28
C LEU A 548 -8.03 1.44 7.31
N ASP A 549 -8.44 2.05 8.44
CA ASP A 549 -7.54 2.12 9.57
C ASP A 549 -7.01 0.76 9.96
N TRP A 550 -7.90 -0.21 10.07
CA TRP A 550 -7.45 -1.52 10.51
C TRP A 550 -6.42 -2.11 9.56
N HIS A 551 -6.58 -1.90 8.26
CA HIS A 551 -5.55 -2.38 7.35
C HIS A 551 -4.23 -1.62 7.52
N PHE A 552 -4.28 -0.34 7.91
CA PHE A 552 -3.05 0.38 8.25
C PHE A 552 -2.48 -0.11 9.58
N ALA A 553 -3.34 -0.40 10.55
CA ALA A 553 -2.85 -0.97 11.80
C ALA A 553 -1.99 -2.19 11.51
N ASN A 554 -2.53 -3.11 10.70
CA ASN A 554 -1.79 -4.32 10.32
C ASN A 554 -0.45 -3.98 9.72
N LEU A 555 -0.40 -2.95 8.87
CA LEU A 555 0.86 -2.53 8.27
C LEU A 555 1.81 -1.97 9.31
N GLU A 556 1.26 -1.28 10.32
CA GLU A 556 2.09 -0.81 11.42
C GLU A 556 2.58 -1.97 12.28
N PHE A 557 1.73 -2.98 12.50
CA PHE A 557 2.20 -4.22 13.11
C PHE A 557 3.34 -4.86 12.35
N ALA A 558 3.23 -4.93 11.02
CA ALA A 558 4.27 -5.56 10.22
C ALA A 558 5.58 -4.81 10.31
N ASN A 559 5.55 -3.51 10.52
CA ASN A 559 6.76 -2.71 10.60
C ASN A 559 7.06 -2.22 12.01
N ALA A 560 6.24 -2.57 12.98
CA ALA A 560 6.41 -2.10 14.36
C ALA A 560 6.61 -0.58 14.44
N THR A 561 5.83 0.18 13.66
CA THR A 561 6.01 1.64 13.73
C THR A 561 4.90 2.41 13.02
N PRO A 562 4.58 3.61 13.50
CA PRO A 562 3.57 4.44 12.81
C PRO A 562 4.01 4.78 11.39
N LEU A 563 3.07 4.73 10.46
CA LEU A 563 3.47 4.83 9.07
C LEU A 563 4.07 6.21 8.73
N SER A 564 4.03 7.15 9.67
CA SER A 564 4.55 8.49 9.48
C SER A 564 6.06 8.53 9.62
N THR A 565 6.65 7.39 9.96
CA THR A 565 8.08 7.21 10.15
C THR A 565 8.73 6.39 9.04
N LEU A 566 8.07 5.35 8.51
CA LEU A 566 8.69 4.56 7.43
C LEU A 566 9.04 5.46 6.25
N SER A 567 10.28 5.36 5.77
CA SER A 567 10.66 6.02 4.54
C SER A 567 9.78 5.55 3.39
N LEU A 568 9.26 6.52 2.63
CA LEU A 568 8.43 6.14 1.49
C LEU A 568 9.21 5.28 0.51
N LYS A 569 10.42 5.72 0.14
CA LYS A 569 11.19 5.04 -0.90
C LYS A 569 11.67 3.65 -0.48
N HIS A 570 12.01 3.45 0.79
CA HIS A 570 12.79 2.29 1.17
C HIS A 570 12.11 1.31 2.12
N TRP A 571 10.98 1.67 2.72
CA TRP A 571 10.39 0.80 3.74
C TRP A 571 10.21 -0.64 3.25
N ASP A 572 10.21 -0.82 1.95
CA ASP A 572 9.95 -2.17 1.39
C ASP A 572 11.13 -2.55 0.52
N GLN A 573 12.33 -2.12 0.87
CA GLN A 573 13.52 -2.48 0.06
C GLN A 573 13.74 -3.99 0.12
N ASP A 574 13.47 -4.63 1.26
CA ASP A 574 13.73 -6.08 1.41
C ASP A 574 12.53 -6.92 0.98
N ASP A 575 11.56 -6.27 0.36
CA ASP A 575 10.30 -6.92 -0.08
C ASP A 575 10.55 -7.58 -1.42
N ASP A 576 11.58 -8.41 -1.50
CA ASP A 576 11.92 -9.11 -2.75
C ASP A 576 12.57 -10.43 -2.37
N PHE A 577 13.12 -10.47 -1.17
CA PHE A 577 13.80 -11.68 -0.68
C PHE A 577 12.81 -12.44 0.19
N GLU A 578 11.52 -12.23 -0.02
CA GLU A 578 10.51 -12.92 0.78
C GLU A 578 10.67 -14.43 0.66
N PHE A 579 10.46 -15.15 1.74
CA PHE A 579 10.53 -16.61 1.63
C PHE A 579 9.22 -17.09 1.02
N THR A 580 9.23 -18.25 0.38
CA THR A 580 7.95 -18.73 -0.16
C THR A 580 7.29 -19.64 0.85
N GLY A 581 6.01 -19.93 0.64
CA GLY A 581 5.31 -20.88 1.50
C GLY A 581 4.40 -20.21 2.49
N SER A 582 3.61 -21.02 3.18
CA SER A 582 2.70 -20.55 4.21
C SER A 582 3.49 -19.99 5.38
N HIS A 583 2.94 -18.99 6.05
CA HIS A 583 3.59 -18.63 7.28
C HIS A 583 3.15 -19.63 8.36
N LEU A 584 3.93 -19.70 9.45
CA LEU A 584 3.71 -20.72 10.46
C LEU A 584 3.93 -20.15 11.84
N THR A 585 3.43 -20.85 12.85
CA THR A 585 3.73 -20.52 14.23
C THR A 585 4.45 -21.70 14.85
N VAL A 586 5.02 -21.45 16.02
CA VAL A 586 5.47 -22.53 16.87
C VAL A 586 4.42 -22.79 17.94
N ARG A 587 4.00 -24.05 17.98
CA ARG A 587 3.00 -24.53 18.95
C ARG A 587 3.68 -24.85 20.27
N ASN A 588 4.99 -25.04 20.30
CA ASN A 588 5.66 -25.42 21.57
C ASN A 588 6.54 -24.30 22.13
N GLY A 589 6.33 -23.06 21.72
CA GLY A 589 7.16 -21.95 22.22
C GLY A 589 8.35 -21.73 21.32
N TYR A 590 8.49 -20.54 20.74
CA TYR A 590 9.67 -20.32 19.85
C TYR A 590 10.93 -20.29 20.69
N SER A 591 10.79 -20.37 22.01
CA SER A 591 11.94 -20.34 22.94
C SER A 591 12.77 -21.62 22.83
N CYS A 592 12.22 -22.71 22.34
CA CYS A 592 13.00 -23.96 22.22
C CYS A 592 14.17 -23.79 21.27
N VAL A 593 14.06 -22.99 20.22
CA VAL A 593 15.20 -22.85 19.27
C VAL A 593 16.43 -22.27 19.96
N PRO A 594 16.36 -21.11 20.62
CA PRO A 594 17.51 -20.53 21.25
C PRO A 594 18.04 -21.44 22.35
N VAL A 595 17.13 -22.05 23.10
CA VAL A 595 17.56 -22.99 24.15
C VAL A 595 18.32 -24.13 23.48
N ALA A 596 17.85 -24.64 22.35
CA ALA A 596 18.59 -25.73 21.70
C ALA A 596 19.97 -25.24 21.31
N LEU A 597 20.07 -24.04 20.77
CA LEU A 597 21.36 -23.51 20.32
C LEU A 597 22.32 -23.39 21.50
N ALA A 598 21.83 -22.94 22.64
CA ALA A 598 22.70 -22.74 23.78
C ALA A 598 23.41 -24.01 24.24
N GLU A 599 23.04 -25.19 23.72
CA GLU A 599 23.60 -26.43 24.26
C GLU A 599 25.12 -26.46 24.10
N GLY A 600 25.83 -26.54 25.22
CA GLY A 600 27.27 -26.74 25.18
C GLY A 600 28.05 -25.50 24.89
N LEU A 601 27.48 -24.32 25.11
CA LEU A 601 28.18 -23.06 24.96
C LEU A 601 28.38 -22.42 26.32
N ASP A 602 29.29 -21.46 26.36
CA ASP A 602 29.68 -20.83 27.61
C ASP A 602 28.95 -19.49 27.73
N ILE A 603 27.94 -19.45 28.57
CA ILE A 603 27.04 -18.31 28.64
C ILE A 603 27.06 -17.80 30.07
N LYS A 604 27.33 -16.51 30.24
CA LYS A 604 27.29 -15.87 31.55
C LYS A 604 25.99 -15.09 31.63
N LEU A 605 25.07 -15.56 32.48
CA LEU A 605 23.76 -14.95 32.62
C LEU A 605 23.78 -13.90 33.73
N ASN A 606 22.85 -12.97 33.63
CA ASN A 606 22.79 -11.83 34.56
C ASN A 606 24.11 -11.05 34.52
N THR A 607 24.62 -10.84 33.32
CA THR A 607 25.94 -10.25 33.10
C THR A 607 25.74 -9.09 32.15
N ALA A 608 25.66 -7.88 32.68
CA ALA A 608 25.37 -6.71 31.87
C ALA A 608 26.68 -6.10 31.42
N VAL A 609 27.01 -6.28 30.15
CA VAL A 609 28.13 -5.53 29.62
C VAL A 609 27.80 -4.06 29.76
N ARG A 610 28.83 -3.26 30.03
CA ARG A 610 28.59 -1.85 30.34
C ARG A 610 29.70 -0.95 29.78
N GLN A 611 30.75 -1.55 29.22
CA GLN A 611 31.80 -0.74 28.59
C GLN A 611 32.63 -1.62 27.68
N VAL A 612 32.88 -1.17 26.46
CA VAL A 612 33.71 -1.99 25.54
C VAL A 612 34.96 -1.20 25.16
N ARG A 613 36.12 -1.78 25.42
CA ARG A 613 37.42 -1.15 25.13
C ARG A 613 38.08 -2.02 24.08
N TYR A 614 38.33 -1.48 22.90
CA TYR A 614 38.94 -2.27 21.80
C TYR A 614 40.23 -1.57 21.44
N THR A 615 41.35 -2.28 21.49
CA THR A 615 42.65 -1.64 21.27
C THR A 615 43.39 -2.37 20.15
N ALA A 616 44.55 -1.81 19.76
CA ALA A 616 45.31 -2.41 18.68
C ALA A 616 45.74 -3.83 19.02
N SER A 617 45.98 -4.12 20.30
CA SER A 617 46.52 -5.39 20.75
C SER A 617 45.45 -6.35 21.27
N GLY A 618 44.17 -5.99 21.15
CA GLY A 618 43.10 -6.81 21.71
C GLY A 618 41.99 -6.01 22.37
N CYS A 619 41.00 -6.68 22.99
CA CYS A 619 39.89 -5.97 23.65
C CYS A 619 39.65 -6.52 25.03
N GLU A 620 39.13 -5.65 25.90
CA GLU A 620 38.61 -6.04 27.21
C GLU A 620 37.20 -5.48 27.35
N VAL A 621 36.32 -6.32 27.91
CA VAL A 621 34.92 -6.00 28.12
C VAL A 621 34.64 -5.98 29.60
N ILE A 622 34.16 -4.85 30.10
CA ILE A 622 33.78 -4.68 31.50
C ILE A 622 32.28 -4.88 31.62
N ALA A 623 31.88 -5.94 32.30
CA ALA A 623 30.48 -6.21 32.62
C ALA A 623 30.27 -6.30 34.12
N VAL A 624 29.09 -5.86 34.58
CA VAL A 624 28.70 -5.95 35.99
C VAL A 624 27.65 -7.04 36.20
N ASN A 625 27.20 -7.20 37.43
CA ASN A 625 26.25 -8.22 37.81
C ASN A 625 24.88 -7.58 38.07
N THR A 626 23.86 -8.02 37.32
CA THR A 626 22.57 -7.33 37.33
C THR A 626 21.88 -7.47 38.68
N ARG A 627 21.91 -8.69 39.20
CA ARG A 627 21.36 -9.01 40.53
C ARG A 627 22.00 -8.07 41.54
N SER A 628 23.32 -8.10 41.63
CA SER A 628 24.06 -7.13 42.47
C SER A 628 24.96 -6.32 41.53
N THR A 629 24.80 -5.01 41.50
CA THR A 629 25.56 -4.16 40.57
C THR A 629 26.96 -3.90 41.08
N SER A 630 27.22 -4.16 42.35
CA SER A 630 28.59 -3.91 42.84
C SER A 630 29.59 -4.86 42.18
N GLN A 631 29.24 -6.13 42.04
CA GLN A 631 30.18 -7.13 41.50
C GLN A 631 30.58 -6.78 40.09
N THR A 632 31.88 -6.61 39.83
CA THR A 632 32.38 -6.20 38.52
C THR A 632 33.24 -7.29 37.89
N PHE A 633 33.09 -7.46 36.56
CA PHE A 633 33.79 -8.49 35.79
C PHE A 633 34.58 -7.87 34.64
N ILE A 634 35.77 -8.43 34.38
CA ILE A 634 36.64 -8.02 33.28
C ILE A 634 36.91 -9.20 32.34
N TYR A 635 36.66 -8.99 31.05
CA TYR A 635 36.79 -10.03 30.04
C TYR A 635 37.75 -9.54 28.95
N LYS A 636 38.85 -10.27 28.76
CA LYS A 636 39.89 -9.93 27.80
C LYS A 636 39.75 -10.89 26.62
N CYS A 637 40.00 -10.40 25.40
CA CYS A 637 39.72 -11.19 24.20
C CYS A 637 40.37 -10.58 22.97
N ASP A 638 40.49 -11.42 21.92
CA ASP A 638 41.01 -10.97 20.64
C ASP A 638 40.00 -10.12 19.85
N ALA A 639 38.73 -10.55 19.83
CA ALA A 639 37.64 -9.83 19.17
C ALA A 639 36.38 -9.88 20.01
N VAL A 640 35.47 -8.95 19.74
CA VAL A 640 34.22 -8.85 20.47
C VAL A 640 33.11 -8.74 19.45
N LEU A 641 32.15 -9.66 19.52
CA LEU A 641 30.99 -9.59 18.64
C LEU A 641 29.78 -9.09 19.40
N CYS A 642 29.14 -8.09 18.83
CA CYS A 642 28.19 -7.22 19.51
C CYS A 642 26.78 -7.42 18.94
N THR A 643 25.94 -8.23 19.59
CA THR A 643 24.56 -8.40 19.15
C THR A 643 23.60 -7.52 19.96
N LEU A 644 24.11 -6.43 20.50
CA LEU A 644 23.27 -5.47 21.21
C LEU A 644 22.15 -4.98 20.32
N PRO A 645 20.88 -5.08 20.73
CA PRO A 645 19.78 -4.49 19.95
C PRO A 645 20.05 -3.03 19.60
N LEU A 646 19.56 -2.64 18.41
CA LEU A 646 19.68 -1.25 18.01
C LEU A 646 19.04 -0.30 19.02
N GLY A 647 18.06 -0.79 19.77
CA GLY A 647 17.46 0.06 20.79
C GLY A 647 18.45 0.37 21.90
N VAL A 648 19.13 -0.67 22.39
CA VAL A 648 20.17 -0.51 23.40
C VAL A 648 21.30 0.32 22.83
N LEU A 649 21.66 0.05 21.58
CA LEU A 649 22.63 0.89 20.89
C LEU A 649 22.18 2.34 20.74
N LYS A 650 20.88 2.61 20.76
CA LYS A 650 20.43 3.97 20.47
C LYS A 650 20.40 4.84 21.71
N GLN A 651 20.44 4.24 22.90
CA GLN A 651 19.97 4.87 24.14
C GLN A 651 20.83 6.07 24.54
N GLN A 652 20.19 7.19 24.89
CA GLN A 652 20.86 8.24 25.63
C GLN A 652 20.23 8.34 27.02
N PRO A 653 21.07 8.29 28.06
CA PRO A 653 22.54 8.20 27.89
C PRO A 653 22.95 6.72 27.70
N PRO A 654 24.16 6.49 27.20
CA PRO A 654 24.52 5.16 26.69
C PRO A 654 24.51 4.08 27.75
N ALA A 655 23.67 3.06 27.52
CA ALA A 655 23.72 1.85 28.34
C ALA A 655 25.11 1.21 28.34
N VAL A 656 25.87 1.39 27.25
CA VAL A 656 27.18 0.77 27.07
C VAL A 656 28.13 1.77 26.44
N GLN A 657 29.30 1.92 27.06
CA GLN A 657 30.29 2.88 26.64
C GLN A 657 31.25 2.20 25.67
N PHE A 658 31.53 2.86 24.55
CA PHE A 658 32.53 2.36 23.62
C PHE A 658 33.77 3.23 23.75
N VAL A 659 34.87 2.62 24.18
CA VAL A 659 36.08 3.42 24.28
C VAL A 659 37.12 2.62 23.49
N PRO A 660 37.67 3.20 22.41
CA PRO A 660 37.33 4.54 21.91
C PRO A 660 35.89 4.62 21.38
N PRO A 661 35.34 5.82 21.25
CA PRO A 661 33.95 5.95 20.80
C PRO A 661 33.82 5.41 19.38
N LEU A 662 32.63 4.89 19.07
CA LEU A 662 32.35 4.50 17.70
C LEU A 662 32.52 5.70 16.78
N PRO A 663 33.01 5.51 15.57
CA PRO A 663 33.21 6.64 14.65
C PRO A 663 31.89 7.20 14.20
N GLU A 664 31.93 8.45 13.72
CA GLU A 664 30.69 9.12 13.34
C GLU A 664 29.93 8.34 12.28
N TRP A 665 30.64 7.79 11.28
CA TRP A 665 29.96 7.01 10.26
C TRP A 665 29.07 5.92 10.84
N LYS A 666 29.47 5.34 11.98
CA LYS A 666 28.60 4.39 12.68
C LYS A 666 27.47 5.12 13.40
N THR A 667 27.82 5.96 14.38
CA THR A 667 26.80 6.54 15.26
C THR A 667 25.71 7.22 14.44
N SER A 668 26.08 7.87 13.34
CA SER A 668 25.09 8.55 12.51
C SER A 668 24.18 7.55 11.81
N ALA A 669 24.73 6.43 11.35
CA ALA A 669 23.84 5.35 10.92
C ALA A 669 22.92 4.91 12.05
N VAL A 670 23.33 5.09 13.30
CA VAL A 670 22.50 4.56 14.37
C VAL A 670 21.31 5.49 14.62
N GLN A 671 21.54 6.82 14.59
CA GLN A 671 20.44 7.76 14.73
C GLN A 671 19.49 7.72 13.53
N ARG A 672 20.00 7.48 12.33
CA ARG A 672 19.14 7.49 11.16
C ARG A 672 18.14 6.35 11.19
N MET A 673 18.61 5.14 11.46
CA MET A 673 17.69 4.02 11.42
C MET A 673 16.55 4.16 12.41
N GLY A 674 15.59 3.25 12.25
CA GLY A 674 14.43 3.19 13.10
C GLY A 674 14.46 1.92 13.94
N PHE A 675 14.14 2.06 15.20
CA PHE A 675 13.83 0.91 16.04
C PHE A 675 12.42 1.12 16.54
N GLY A 676 11.55 0.21 16.13
CA GLY A 676 10.11 0.36 16.41
C GLY A 676 9.66 -0.38 17.63
N ASN A 677 8.35 -0.36 17.86
CA ASN A 677 7.76 -1.00 19.05
C ASN A 677 6.47 -1.72 18.66
N LEU A 678 6.19 -2.82 19.33
CA LEU A 678 4.96 -3.60 19.14
C LEU A 678 4.82 -4.45 20.38
N ASN A 679 3.63 -4.60 20.93
CA ASN A 679 3.50 -5.30 22.21
C ASN A 679 2.40 -6.37 22.17
N LYS A 680 2.46 -7.40 23.01
CA LYS A 680 1.37 -8.38 22.94
C LYS A 680 0.75 -8.56 24.32
N VAL A 681 -0.53 -8.88 24.36
CA VAL A 681 -1.28 -9.21 25.57
C VAL A 681 -1.68 -10.68 25.48
N VAL A 682 -1.33 -11.46 26.49
CA VAL A 682 -1.60 -12.89 26.45
C VAL A 682 -2.78 -13.18 27.37
N LEU A 683 -3.88 -13.65 26.78
CA LEU A 683 -5.12 -13.91 27.50
C LEU A 683 -5.25 -15.41 27.72
N CYS A 684 -5.25 -15.80 28.99
CA CYS A 684 -5.12 -17.18 29.41
C CYS A 684 -6.44 -17.63 30.03
N PHE A 685 -7.27 -18.22 29.20
CA PHE A 685 -8.58 -18.66 29.58
C PHE A 685 -8.57 -20.16 29.85
N ASP A 686 -9.76 -20.67 30.11
CA ASP A 686 -9.90 -21.96 30.73
C ASP A 686 -11.07 -22.67 30.07
N ARG A 687 -11.86 -21.94 29.26
CA ARG A 687 -12.82 -22.45 28.29
C ARG A 687 -12.37 -21.97 26.93
N VAL A 688 -12.71 -22.74 25.90
CA VAL A 688 -12.45 -22.30 24.53
C VAL A 688 -13.75 -21.69 24.02
N PHE A 689 -13.76 -20.38 23.74
CA PHE A 689 -15.01 -19.75 23.31
C PHE A 689 -14.89 -18.98 22.01
N TRP A 690 -13.91 -19.27 21.20
CA TRP A 690 -13.75 -18.60 19.91
C TRP A 690 -13.94 -19.60 18.81
N ASP A 691 -14.06 -19.10 17.60
CA ASP A 691 -14.11 -20.07 16.52
C ASP A 691 -12.76 -20.79 16.45
N PRO A 692 -12.70 -22.07 16.86
CA PRO A 692 -11.40 -22.76 16.91
C PRO A 692 -10.75 -22.87 15.55
N SER A 693 -11.55 -22.98 14.50
CA SER A 693 -11.08 -23.05 13.12
C SER A 693 -10.52 -21.73 12.62
N VAL A 694 -10.60 -20.67 13.40
CA VAL A 694 -10.09 -19.35 13.03
C VAL A 694 -8.84 -19.09 13.87
N ASN A 695 -7.69 -18.88 13.22
CA ASN A 695 -6.53 -18.54 14.03
C ASN A 695 -6.55 -17.09 14.45
N LEU A 696 -6.96 -16.22 13.55
CA LEU A 696 -6.84 -14.80 13.81
C LEU A 696 -8.09 -14.04 13.36
N PHE A 697 -8.41 -12.98 14.11
CA PHE A 697 -9.57 -12.15 13.84
C PHE A 697 -9.32 -10.75 14.41
N GLY A 698 -9.85 -9.74 13.74
CA GLY A 698 -9.46 -8.39 14.09
C GLY A 698 -10.55 -7.58 14.75
N HIS A 699 -10.19 -6.52 15.47
CA HIS A 699 -11.13 -5.58 16.04
C HIS A 699 -10.88 -4.23 15.41
N VAL A 700 -11.93 -3.53 15.05
CA VAL A 700 -11.80 -2.32 14.29
C VAL A 700 -11.91 -1.14 15.26
N GLY A 701 -11.08 -0.13 15.04
CA GLY A 701 -10.91 0.90 16.03
C GLY A 701 -11.96 1.99 15.93
N SER A 702 -12.22 2.62 17.08
CA SER A 702 -13.16 3.74 17.13
C SER A 702 -12.68 4.91 16.29
N THR A 703 -11.37 5.02 16.12
CA THR A 703 -10.74 6.22 15.64
C THR A 703 -9.42 5.86 14.98
N THR A 704 -8.97 6.74 14.07
CA THR A 704 -7.63 6.57 13.50
C THR A 704 -6.60 6.48 14.61
N ALA A 705 -6.71 7.35 15.62
CA ALA A 705 -5.65 7.49 16.62
C ALA A 705 -5.44 6.22 17.41
N SER A 706 -6.48 5.40 17.59
CA SER A 706 -6.34 4.12 18.27
C SER A 706 -6.42 2.94 17.31
N ARG A 707 -6.03 3.13 16.04
CA ARG A 707 -6.20 2.02 15.11
C ARG A 707 -5.38 0.81 15.53
N GLY A 708 -4.37 0.99 16.35
CA GLY A 708 -3.53 -0.15 16.69
C GLY A 708 -3.91 -0.79 18.00
N GLU A 709 -4.78 -0.13 18.74
CA GLU A 709 -5.09 -0.49 20.11
C GLU A 709 -5.87 -1.81 20.12
N LEU A 710 -5.18 -2.89 20.43
CA LEU A 710 -5.81 -4.19 20.60
C LEU A 710 -6.54 -4.62 19.33
N PHE A 711 -5.94 -4.35 18.17
CA PHE A 711 -6.62 -4.45 16.89
C PHE A 711 -6.70 -5.87 16.32
N LEU A 712 -6.16 -6.91 16.96
CA LEU A 712 -6.04 -8.18 16.25
C LEU A 712 -5.75 -9.32 17.24
N PHE A 713 -6.37 -10.50 17.03
CA PHE A 713 -6.13 -11.55 18.01
C PHE A 713 -5.74 -12.84 17.29
N TRP A 714 -5.06 -13.73 18.03
CA TRP A 714 -4.57 -15.01 17.50
C TRP A 714 -4.96 -16.17 18.41
N ASN A 715 -5.53 -17.23 17.82
CA ASN A 715 -5.70 -18.53 18.49
C ASN A 715 -4.68 -19.47 17.89
N LEU A 716 -3.47 -19.47 18.45
CA LEU A 716 -2.41 -20.29 17.88
C LEU A 716 -2.08 -21.50 18.73
N TYR A 717 -2.53 -21.55 19.98
CA TYR A 717 -1.97 -22.49 20.91
C TYR A 717 -2.97 -23.58 21.27
N LYS A 718 -2.40 -24.76 21.54
CA LYS A 718 -3.19 -25.93 21.91
C LYS A 718 -4.06 -25.62 23.12
N ALA A 719 -3.45 -25.06 24.17
CA ALA A 719 -4.20 -24.57 25.30
C ALA A 719 -5.17 -23.47 24.86
N PRO A 720 -6.25 -23.26 25.64
CA PRO A 720 -7.13 -22.12 25.39
C PRO A 720 -6.46 -20.78 25.65
N ILE A 721 -5.73 -20.27 24.65
CA ILE A 721 -5.01 -19.01 24.78
C ILE A 721 -5.40 -18.12 23.61
N LEU A 722 -5.88 -16.93 23.92
CA LEU A 722 -6.02 -15.86 22.96
C LEU A 722 -4.96 -14.82 23.20
N LEU A 723 -4.43 -14.27 22.11
CA LEU A 723 -3.29 -13.38 22.15
C LEU A 723 -3.60 -12.15 21.29
N ALA A 724 -3.32 -10.97 21.82
CA ALA A 724 -3.80 -9.75 21.19
C ALA A 724 -2.67 -8.74 21.05
N LEU A 725 -2.67 -8.06 19.89
CA LEU A 725 -1.61 -7.15 19.46
C LEU A 725 -1.92 -5.68 19.73
N VAL A 726 -0.88 -4.93 20.10
CA VAL A 726 -0.95 -3.47 20.26
C VAL A 726 0.13 -2.86 19.37
N ALA A 727 -0.21 -2.41 18.17
CA ALA A 727 0.83 -1.87 17.30
C ALA A 727 0.65 -0.38 17.09
N GLY A 728 1.35 0.17 16.09
CA GLY A 728 1.29 1.55 15.69
C GLY A 728 1.52 2.49 16.86
N GLU A 729 0.80 3.62 16.86
CA GLU A 729 0.97 4.61 17.92
C GLU A 729 0.42 4.11 19.25
N ALA A 730 -0.60 3.25 19.22
CA ALA A 730 -1.08 2.59 20.42
C ALA A 730 0.03 1.91 21.19
N ALA A 731 1.04 1.39 20.46
CA ALA A 731 2.05 0.53 21.05
C ALA A 731 2.74 1.18 22.23
N GLY A 732 3.47 2.28 21.96
CA GLY A 732 4.22 2.97 23.00
C GLY A 732 3.37 3.56 24.11
N ILE A 733 2.08 3.79 23.85
CA ILE A 733 1.21 4.44 24.82
C ILE A 733 0.68 3.44 25.83
N MET A 734 0.25 2.27 25.35
CA MET A 734 -0.29 1.25 26.25
C MET A 734 0.71 0.78 27.28
N GLU A 735 1.99 1.12 27.13
CA GLU A 735 2.99 0.78 28.15
C GLU A 735 2.87 1.64 29.41
N ASN A 736 2.09 2.73 29.37
CA ASN A 736 1.78 3.57 30.53
C ASN A 736 0.52 3.14 31.26
N ILE A 737 0.01 1.95 31.00
CA ILE A 737 -1.28 1.56 31.54
C ILE A 737 -1.13 0.21 32.21
N SER A 738 -1.74 0.06 33.39
CA SER A 738 -1.54 -1.16 34.16
C SER A 738 -2.15 -2.34 33.44
N ASP A 739 -1.61 -3.54 33.70
CA ASP A 739 -2.14 -4.77 33.11
C ASP A 739 -3.66 -4.83 33.18
N ASP A 740 -4.20 -4.62 34.38
CA ASP A 740 -5.62 -4.85 34.63
C ASP A 740 -6.49 -3.94 33.78
N VAL A 741 -6.02 -2.75 33.46
CA VAL A 741 -6.75 -1.92 32.51
C VAL A 741 -6.66 -2.48 31.11
N ILE A 742 -5.46 -2.87 30.71
CA ILE A 742 -5.30 -3.37 29.31
C ILE A 742 -6.13 -4.62 29.20
N VAL A 743 -6.03 -5.47 30.20
CA VAL A 743 -6.80 -6.75 30.22
C VAL A 743 -8.28 -6.40 30.25
N GLY A 744 -8.67 -5.40 31.03
CA GLY A 744 -10.10 -5.08 31.07
C GLY A 744 -10.56 -4.66 29.69
N ARG A 745 -9.81 -3.80 29.03
CA ARG A 745 -10.25 -3.33 27.69
C ARG A 745 -10.31 -4.52 26.74
N CYS A 746 -9.36 -5.43 26.82
CA CYS A 746 -9.33 -6.59 25.92
C CYS A 746 -10.61 -7.38 26.09
N LEU A 747 -10.99 -7.62 27.33
CA LEU A 747 -12.21 -8.43 27.57
C LEU A 747 -13.42 -7.70 27.01
N ALA A 748 -13.48 -6.38 27.18
CA ALA A 748 -14.66 -5.66 26.69
C ALA A 748 -14.77 -5.85 25.19
N ILE A 749 -13.68 -5.72 24.46
CA ILE A 749 -13.76 -5.91 22.99
C ILE A 749 -14.20 -7.34 22.77
N LEU A 750 -13.68 -8.24 23.57
CA LEU A 750 -14.06 -9.63 23.38
C LEU A 750 -15.54 -9.87 23.69
N LYS A 751 -16.04 -9.31 24.79
CA LYS A 751 -17.44 -9.48 25.16
C LYS A 751 -18.35 -8.98 24.05
N GLY A 752 -18.09 -7.76 23.56
CA GLY A 752 -18.92 -7.17 22.52
C GLY A 752 -18.98 -8.01 21.25
N ILE A 753 -17.96 -8.84 21.01
CA ILE A 753 -17.94 -9.65 19.80
C ILE A 753 -18.45 -11.07 20.04
N PHE A 754 -18.47 -11.54 21.28
CA PHE A 754 -18.76 -12.94 21.57
C PHE A 754 -19.92 -13.13 22.53
N GLY A 755 -20.52 -12.05 23.00
CA GLY A 755 -21.59 -12.14 23.97
C GLY A 755 -21.06 -12.00 25.38
N SER A 756 -21.60 -11.02 26.13
CA SER A 756 -21.11 -10.63 27.44
C SER A 756 -21.11 -11.77 28.46
N SER A 757 -21.69 -12.93 28.14
CA SER A 757 -21.75 -14.04 29.08
C SER A 757 -20.73 -15.13 28.80
N ALA A 758 -20.33 -15.28 27.54
CA ALA A 758 -19.44 -16.36 27.12
C ALA A 758 -17.96 -16.11 27.43
N VAL A 759 -17.58 -14.94 27.93
CA VAL A 759 -16.19 -14.52 28.04
C VAL A 759 -15.75 -14.55 29.50
N PRO A 760 -15.13 -15.65 29.97
CA PRO A 760 -14.82 -15.79 31.42
C PRO A 760 -13.75 -14.82 31.88
N GLN A 761 -13.41 -14.85 33.15
CA GLN A 761 -12.20 -14.14 33.50
C GLN A 761 -10.98 -14.99 33.15
N PRO A 762 -9.91 -14.36 32.63
CA PRO A 762 -8.69 -15.12 32.31
C PRO A 762 -7.97 -15.57 33.57
N LYS A 763 -7.34 -16.74 33.47
CA LYS A 763 -6.68 -17.30 34.64
C LYS A 763 -5.27 -16.77 34.84
N GLU A 764 -4.56 -16.40 33.76
CA GLU A 764 -3.26 -15.76 33.80
C GLU A 764 -3.19 -14.68 32.72
N THR A 765 -2.53 -13.57 33.03
CA THR A 765 -2.44 -12.47 32.06
C THR A 765 -1.05 -11.86 32.08
N VAL A 766 -0.47 -11.72 30.88
CA VAL A 766 0.87 -11.18 30.67
C VAL A 766 0.83 -10.13 29.59
N VAL A 767 1.37 -8.97 29.90
CA VAL A 767 1.46 -7.85 28.97
C VAL A 767 2.93 -7.52 28.80
N SER A 768 3.32 -7.21 27.57
CA SER A 768 4.72 -6.95 27.23
C SER A 768 4.99 -5.44 27.18
N ARG A 769 6.25 -5.10 27.42
CA ARG A 769 6.75 -3.72 27.41
C ARG A 769 8.14 -3.75 26.77
N TRP A 770 8.19 -4.02 25.48
CA TRP A 770 9.49 -4.11 24.78
C TRP A 770 10.14 -2.74 24.76
N ARG A 771 9.38 -1.67 24.59
CA ARG A 771 10.05 -0.36 24.58
C ARG A 771 10.62 -0.10 25.95
N ALA A 772 9.87 -0.43 26.97
CA ALA A 772 10.35 -0.27 28.35
C ALA A 772 11.52 -1.19 28.62
N ASP A 773 11.52 -2.40 28.05
CA ASP A 773 12.57 -3.39 28.41
C ASP A 773 13.95 -2.81 28.18
N PRO A 774 14.79 -2.83 29.22
CA PRO A 774 16.12 -2.27 29.15
C PRO A 774 17.03 -3.04 28.20
N TRP A 775 16.81 -4.34 28.06
CA TRP A 775 17.69 -5.17 27.20
C TRP A 775 17.19 -5.19 25.76
N ALA A 776 16.14 -4.46 25.45
CA ALA A 776 15.66 -4.38 24.07
C ALA A 776 15.49 -2.92 23.66
N ARG A 777 14.80 -2.15 24.48
CA ARG A 777 14.44 -0.74 24.20
C ARG A 777 13.69 -0.64 22.89
N GLY A 778 12.77 -1.56 22.62
CA GLY A 778 12.07 -1.59 21.33
C GLY A 778 11.79 -3.02 20.92
N SER A 779 11.17 -3.19 19.77
CA SER A 779 10.71 -4.50 19.28
C SER A 779 11.55 -5.08 18.14
N TYR A 780 11.58 -4.41 17.00
CA TYR A 780 12.53 -4.69 15.92
C TYR A 780 12.64 -3.41 15.11
N SER A 781 13.28 -3.48 13.95
CA SER A 781 13.68 -2.24 13.32
C SER A 781 12.81 -1.92 12.11
N TYR A 782 13.14 -0.80 11.48
CA TYR A 782 12.39 -0.35 10.33
C TYR A 782 13.27 0.65 9.58
N VAL A 783 12.77 1.07 8.42
CA VAL A 783 13.61 1.87 7.55
C VAL A 783 13.09 3.30 7.64
N ALA A 784 13.44 4.00 8.70
CA ALA A 784 12.86 5.32 8.94
C ALA A 784 13.04 6.23 7.76
N ALA A 785 12.10 7.17 7.61
CA ALA A 785 12.22 8.21 6.59
C ALA A 785 13.56 8.90 6.74
N GLY A 786 14.32 8.95 5.64
CA GLY A 786 15.67 9.46 5.68
C GLY A 786 16.73 8.41 5.90
N SER A 787 16.37 7.15 6.03
CA SER A 787 17.34 6.07 6.07
C SER A 787 17.25 5.28 4.77
N SER A 788 17.89 4.12 4.75
CA SER A 788 17.97 3.28 3.56
C SER A 788 18.47 1.91 3.99
N GLY A 789 18.35 0.95 3.08
CA GLY A 789 18.92 -0.34 3.40
C GLY A 789 20.42 -0.28 3.49
N ASN A 790 21.03 0.78 2.95
CA ASN A 790 22.47 0.93 3.09
C ASN A 790 22.92 1.42 4.48
N ASP A 791 22.02 1.81 5.38
CA ASP A 791 22.48 1.90 6.76
C ASP A 791 22.71 0.51 7.32
N TYR A 792 21.81 -0.43 7.03
CA TYR A 792 21.94 -1.78 7.55
C TYR A 792 23.27 -2.40 7.17
N ASP A 793 23.93 -1.87 6.13
CA ASP A 793 25.23 -2.36 5.72
C ASP A 793 26.33 -1.70 6.54
N LEU A 794 26.12 -0.44 6.84
CA LEU A 794 27.07 0.32 7.67
C LEU A 794 27.10 -0.38 9.01
N MET A 795 25.96 -0.85 9.45
CA MET A 795 25.94 -1.47 10.79
C MET A 795 26.84 -2.70 10.80
N ALA A 796 26.92 -3.41 9.70
CA ALA A 796 27.69 -4.66 9.76
C ALA A 796 29.19 -4.42 9.69
N GLN A 797 29.63 -3.32 9.08
CA GLN A 797 31.08 -3.12 8.90
C GLN A 797 31.74 -3.10 10.26
N PRO A 798 32.74 -3.94 10.51
CA PRO A 798 33.42 -4.02 11.79
C PRO A 798 34.36 -2.86 12.02
N ILE A 799 34.81 -2.67 13.26
CA ILE A 799 35.67 -1.49 13.53
C ILE A 799 37.12 -1.88 13.74
N THR A 800 38.03 -1.24 13.01
CA THR A 800 39.47 -1.52 13.21
C THR A 800 40.02 -0.33 13.96
N PRO A 801 40.55 -0.57 15.17
CA PRO A 801 41.02 0.48 16.04
C PRO A 801 42.34 1.08 15.57
N GLY A 802 42.70 2.24 16.11
CA GLY A 802 43.93 2.95 15.75
C GLY A 802 45.18 2.26 16.24
N PRO A 803 46.37 2.63 15.74
CA PRO A 803 47.57 1.95 16.13
C PRO A 803 47.90 2.31 17.57
N SER A 804 48.48 1.36 18.31
CA SER A 804 48.86 1.59 19.71
C SER A 804 50.00 2.59 19.79
N ILE A 805 51.02 2.39 18.94
CA ILE A 805 52.20 3.27 18.94
C ILE A 805 52.18 3.95 17.59
N PRO A 806 52.33 5.27 17.46
CA PRO A 806 52.22 5.93 16.18
C PRO A 806 53.28 5.38 15.23
N GLY A 807 52.89 5.13 13.99
CA GLY A 807 53.81 4.55 13.01
C GLY A 807 53.70 3.06 12.97
N ALA A 808 52.92 2.49 13.87
CA ALA A 808 52.74 1.03 13.85
C ALA A 808 51.82 0.71 12.68
N PRO A 809 51.88 -0.49 12.11
CA PRO A 809 51.09 -0.82 10.95
C PRO A 809 49.63 -0.89 11.34
N GLN A 810 48.74 -0.55 10.41
CA GLN A 810 47.28 -0.59 10.68
C GLN A 810 46.95 -2.01 11.11
N PRO A 811 46.23 -2.22 12.20
CA PRO A 811 45.99 -3.53 12.71
C PRO A 811 44.80 -4.24 12.10
N ILE A 812 44.38 -5.25 12.85
CA ILE A 812 43.22 -6.13 12.59
C ILE A 812 41.95 -5.38 12.99
N PRO A 813 40.77 -5.72 12.47
CA PRO A 813 39.53 -5.14 12.93
C PRO A 813 39.25 -5.94 14.20
N ARG A 814 38.86 -5.27 15.28
CA ARG A 814 38.70 -5.99 16.57
C ARG A 814 37.25 -6.07 17.02
N LEU A 815 36.39 -5.19 16.56
CA LEU A 815 35.00 -5.19 17.08
C LEU A 815 34.03 -5.46 15.93
N PHE A 816 33.12 -6.42 16.08
CA PHE A 816 32.25 -6.59 14.94
C PHE A 816 30.80 -6.60 15.43
N PHE A 817 29.86 -6.61 14.48
CA PHE A 817 28.46 -6.37 14.79
C PHE A 817 27.55 -7.37 14.09
N ALA A 818 26.62 -7.94 14.84
CA ALA A 818 25.64 -8.85 14.25
C ALA A 818 24.32 -8.67 14.97
N GLY A 819 23.30 -9.31 14.43
CA GLY A 819 21.95 -9.18 14.99
C GLY A 819 21.00 -8.65 13.96
N GLU A 820 19.71 -8.69 14.26
CA GLU A 820 18.61 -8.29 13.36
C GLU A 820 18.86 -7.01 12.58
N HIS A 821 19.42 -5.96 13.17
CA HIS A 821 19.60 -4.69 12.45
C HIS A 821 20.87 -4.64 11.61
N THR A 822 21.56 -5.75 11.36
CA THR A 822 22.81 -5.62 10.58
C THR A 822 22.70 -6.29 9.22
N ILE A 823 21.62 -7.00 8.94
CA ILE A 823 21.50 -7.76 7.65
C ILE A 823 20.51 -7.02 6.76
N ARG A 824 20.96 -6.53 5.61
CA ARG A 824 20.15 -5.62 4.77
C ARG A 824 18.95 -6.33 4.18
N ASN A 825 19.18 -7.44 3.45
CA ASN A 825 18.06 -8.13 2.83
C ASN A 825 17.14 -8.86 3.82
N TYR A 826 17.40 -8.85 5.13
CA TYR A 826 16.47 -9.63 5.94
C TYR A 826 16.29 -9.04 7.35
N PRO A 827 16.12 -7.69 7.51
CA PRO A 827 16.08 -7.14 8.86
C PRO A 827 14.89 -7.66 9.65
N ALA A 828 14.85 -7.27 10.90
CA ALA A 828 13.71 -7.45 11.78
C ALA A 828 13.13 -8.87 11.76
N THR A 829 13.84 -9.89 11.32
CA THR A 829 13.32 -11.24 11.53
C THR A 829 14.27 -12.04 12.41
N VAL A 830 13.83 -13.22 12.77
CA VAL A 830 14.68 -14.11 13.59
C VAL A 830 15.66 -14.76 12.64
N HIS A 831 15.19 -15.16 11.46
CA HIS A 831 16.13 -15.77 10.50
C HIS A 831 17.16 -14.73 10.09
N GLY A 832 16.75 -13.49 9.89
CA GLY A 832 17.71 -12.45 9.51
C GLY A 832 18.75 -12.27 10.59
N ALA A 833 18.35 -12.28 11.84
CA ALA A 833 19.36 -12.13 12.89
C ALA A 833 20.28 -13.34 12.85
N LEU A 834 19.73 -14.51 12.70
CA LEU A 834 20.59 -15.70 12.72
C LEU A 834 21.59 -15.63 11.59
N LEU A 835 21.18 -15.24 10.39
CA LEU A 835 22.10 -15.19 9.23
C LEU A 835 23.23 -14.21 9.52
N SER A 836 22.95 -13.09 10.16
CA SER A 836 24.01 -12.13 10.53
C SER A 836 24.98 -12.84 11.48
N GLY A 837 24.48 -13.62 12.42
CA GLY A 837 25.41 -14.37 13.29
C GLY A 837 26.31 -15.23 12.44
N LEU A 838 25.72 -16.08 11.61
CA LEU A 838 26.50 -16.91 10.69
C LEU A 838 27.52 -16.08 9.94
N ARG A 839 27.07 -14.98 9.33
CA ARG A 839 27.96 -14.01 8.70
C ARG A 839 29.18 -13.73 9.57
N GLU A 840 28.99 -13.22 10.80
CA GLU A 840 30.18 -12.77 11.50
C GLU A 840 31.09 -13.95 11.85
N ALA A 841 30.54 -15.07 12.35
CA ALA A 841 31.40 -16.23 12.61
C ALA A 841 32.29 -16.52 11.40
N GLY A 842 31.71 -16.46 10.20
CA GLY A 842 32.53 -16.52 9.00
C GLY A 842 33.56 -15.41 8.95
N ARG A 843 33.15 -14.16 9.19
CA ARG A 843 34.08 -13.06 9.06
C ARG A 843 35.16 -13.12 10.14
N ILE A 844 34.75 -13.34 11.40
CA ILE A 844 35.71 -13.54 12.50
C ILE A 844 36.74 -14.59 12.09
N ALA A 845 36.27 -15.81 11.82
CA ALA A 845 37.19 -16.92 11.57
C ALA A 845 38.16 -16.58 10.45
N ASP A 846 37.68 -15.96 9.38
CA ASP A 846 38.58 -15.57 8.29
C ASP A 846 39.66 -14.63 8.82
N GLN A 847 39.33 -13.80 9.78
CA GLN A 847 40.34 -12.82 10.21
C GLN A 847 41.31 -13.42 11.21
N PHE A 848 40.86 -14.33 12.06
CA PHE A 848 41.80 -14.82 13.09
C PHE A 848 42.26 -16.23 12.82
N LEU A 849 41.56 -16.97 11.98
CA LEU A 849 42.05 -18.34 11.73
C LEU A 849 42.63 -18.41 10.34
N GLY A 850 42.45 -17.36 9.54
CA GLY A 850 43.02 -17.33 8.18
C GLY A 850 42.13 -17.96 7.15
N ALA A 851 42.21 -17.49 5.92
CA ALA A 851 41.37 -18.09 4.87
C ALA A 851 42.26 -18.98 4.03
N MET A 852 42.09 -20.29 4.08
CA MET A 852 43.02 -21.10 3.26
C MET A 852 42.28 -21.61 2.02
N TYR A 853 41.25 -20.88 1.58
CA TYR A 853 40.47 -21.27 0.42
C TYR A 853 40.43 -20.18 -0.67
N THR A 854 41.37 -19.24 -0.66
CA THR A 854 41.40 -18.16 -1.64
C THR A 854 42.64 -18.22 -2.53
N LEU A 855 43.15 -19.44 -2.78
CA LEU A 855 44.37 -19.59 -3.63
C LEU A 855 43.97 -19.57 -5.11
N ARG B 12 4.22 2.38 -14.46
CA ARG B 12 4.39 3.27 -15.60
C ARG B 12 3.10 4.09 -15.78
N LYS B 13 2.03 3.61 -15.17
CA LYS B 13 0.76 4.33 -15.01
C LYS B 13 0.14 3.90 -13.69
N PRO B 14 -0.56 4.81 -12.99
CA PRO B 14 -1.08 4.50 -11.66
C PRO B 14 -2.18 3.47 -11.74
N PRO B 15 -2.49 2.76 -10.65
CA PRO B 15 -3.58 1.77 -10.71
C PRO B 15 -4.84 2.44 -11.21
N LYS B 16 -5.65 1.68 -11.94
CA LYS B 16 -6.88 2.26 -12.50
C LYS B 16 -7.73 2.78 -11.36
N GLY B 17 -8.28 3.99 -11.54
CA GLY B 17 -9.09 4.62 -10.53
C GLY B 17 -8.35 5.62 -9.67
N MET B 18 -7.04 5.44 -9.49
CA MET B 18 -6.26 6.44 -8.80
C MET B 18 -5.98 7.63 -9.70
N PHE B 19 -6.06 8.82 -9.14
CA PHE B 19 -5.90 10.04 -9.91
C PHE B 19 -4.75 10.83 -9.30
N LEU B 20 -3.62 10.78 -9.98
CA LEU B 20 -2.35 11.28 -9.45
C LEU B 20 -1.65 11.91 -10.64
N SER B 21 -1.88 13.20 -10.88
CA SER B 21 -1.10 13.90 -11.88
C SER B 21 -0.17 14.85 -11.18
N GLN B 22 0.99 15.09 -11.81
CA GLN B 22 1.96 16.02 -11.27
C GLN B 22 1.27 17.27 -10.73
N GLU B 23 0.52 17.97 -11.57
CA GLU B 23 0.00 19.29 -11.21
C GLU B 23 -0.82 19.24 -9.94
N ASP B 24 -1.63 18.19 -9.75
CA ASP B 24 -2.43 18.11 -8.54
C ASP B 24 -1.56 18.10 -7.29
N VAL B 25 -0.37 17.50 -7.39
CA VAL B 25 0.26 17.02 -6.16
C VAL B 25 1.03 18.14 -5.48
N GLU B 26 1.71 18.99 -6.27
CA GLU B 26 2.27 20.23 -5.72
C GLU B 26 1.20 21.00 -4.96
N ALA B 27 0.02 21.11 -5.58
CA ALA B 27 -1.05 21.96 -5.10
C ALA B 27 -1.67 21.48 -3.79
N VAL B 28 -1.32 20.29 -3.33
CA VAL B 28 -1.87 19.78 -2.07
C VAL B 28 -0.80 19.84 -0.97
N SER B 29 0.43 20.21 -1.34
CA SER B 29 1.59 20.15 -0.47
C SER B 29 2.37 21.46 -0.38
N ALA B 30 1.87 22.54 -1.01
CA ALA B 30 2.55 23.83 -0.92
C ALA B 30 2.76 24.23 0.53
N ASN B 31 1.78 23.84 1.34
CA ASN B 31 1.82 23.99 2.82
C ASN B 31 0.89 22.94 3.42
N ALA B 32 0.93 22.73 4.73
CA ALA B 32 0.07 21.67 5.31
C ALA B 32 -1.40 22.02 5.08
N THR B 33 -1.76 23.29 5.27
CA THR B 33 -3.16 23.77 5.17
C THR B 33 -3.72 23.62 3.76
N ALA B 34 -2.88 23.68 2.73
CA ALA B 34 -3.33 23.76 1.33
C ALA B 34 -4.27 22.62 1.03
N ALA B 35 -3.93 21.40 1.43
CA ALA B 35 -4.78 20.22 1.14
C ALA B 35 -6.16 20.42 1.73
N THR B 36 -6.26 20.94 2.94
CA THR B 36 -7.64 21.18 3.43
C THR B 36 -8.27 22.27 2.56
N THR B 37 -7.53 23.32 2.23
CA THR B 37 -8.13 24.43 1.46
C THR B 37 -8.73 23.95 0.15
N VAL B 38 -7.93 23.37 -0.75
CA VAL B 38 -8.42 22.98 -2.09
C VAL B 38 -9.69 22.16 -1.93
N LEU B 39 -9.74 21.27 -0.97
CA LEU B 39 -10.98 20.48 -0.85
C LEU B 39 -12.12 21.42 -0.48
N ARG B 40 -11.88 22.35 0.44
CA ARG B 40 -12.98 23.24 0.87
C ARG B 40 -13.47 24.05 -0.32
N GLN B 41 -12.58 24.55 -1.17
CA GLN B 41 -13.03 25.34 -2.34
C GLN B 41 -13.93 24.48 -3.20
N LEU B 42 -13.56 23.23 -3.43
CA LEU B 42 -14.44 22.36 -4.24
C LEU B 42 -15.77 22.18 -3.51
N ASP B 43 -15.80 22.10 -2.18
CA ASP B 43 -17.12 21.94 -1.54
C ASP B 43 -17.95 23.19 -1.76
N MET B 44 -17.41 24.34 -1.40
CA MET B 44 -18.18 25.59 -1.57
C MET B 44 -18.45 25.76 -3.07
N GLU B 45 -17.46 25.51 -3.91
CA GLU B 45 -17.69 25.64 -5.37
C GLU B 45 -18.78 24.67 -5.82
N LEU B 46 -18.79 23.45 -5.30
CA LEU B 46 -19.89 22.56 -5.72
C LEU B 46 -21.21 23.12 -5.22
N VAL B 47 -21.25 23.67 -4.01
CA VAL B 47 -22.56 24.17 -3.47
C VAL B 47 -23.09 25.29 -4.35
N SER B 48 -22.21 26.15 -4.85
CA SER B 48 -22.67 27.28 -5.71
C SER B 48 -23.40 26.71 -6.92
N VAL B 49 -22.92 25.66 -7.54
CA VAL B 49 -23.71 25.15 -8.69
C VAL B 49 -25.07 24.68 -8.19
N LYS B 50 -25.11 23.97 -7.07
CA LYS B 50 -26.42 23.46 -6.59
C LYS B 50 -27.35 24.63 -6.31
N ARG B 51 -26.86 25.71 -5.72
CA ARG B 51 -27.75 26.86 -5.52
C ARG B 51 -28.20 27.34 -6.89
N GLN B 52 -27.26 27.48 -7.81
CA GLN B 52 -27.59 28.03 -9.14
C GLN B 52 -28.66 27.19 -9.83
N ILE B 53 -28.57 25.87 -9.72
CA ILE B 53 -29.56 24.99 -10.40
C ILE B 53 -30.97 25.35 -9.94
N GLN B 54 -31.22 25.13 -8.67
CA GLN B 54 -32.55 25.33 -8.14
C GLN B 54 -33.12 26.73 -8.43
N ASN B 55 -32.33 27.72 -8.88
CA ASN B 55 -33.01 28.87 -9.48
C ASN B 55 -33.55 28.49 -10.84
N ILE B 56 -32.67 28.12 -11.77
CA ILE B 56 -33.17 27.86 -13.11
C ILE B 56 -34.20 26.73 -13.06
N LYS B 57 -34.07 25.80 -12.12
CA LYS B 57 -35.10 24.78 -11.95
C LYS B 57 -36.45 25.39 -11.57
N GLN B 58 -36.47 26.27 -10.56
CA GLN B 58 -37.61 27.17 -10.31
C GLN B 58 -38.01 28.08 -11.47
N THR B 59 -37.08 28.80 -12.08
CA THR B 59 -37.51 29.75 -13.10
C THR B 59 -38.13 29.02 -14.28
N ASN B 60 -37.45 28.01 -14.76
CA ASN B 60 -37.96 26.97 -15.68
C ASN B 60 -39.21 26.24 -15.18
N SER B 61 -39.55 26.32 -13.90
CA SER B 61 -40.86 25.83 -13.50
C SER B 61 -41.93 26.90 -13.68
N ALA B 62 -41.54 28.16 -13.53
CA ALA B 62 -42.46 29.26 -13.79
C ALA B 62 -42.90 29.26 -15.25
N LEU B 63 -41.94 29.15 -16.17
CA LEU B 63 -42.27 29.25 -17.58
C LEU B 63 -43.09 28.04 -18.06
N LYS B 64 -42.91 26.88 -17.41
CA LYS B 64 -43.69 25.71 -17.81
C LYS B 64 -45.17 25.92 -17.51
N GLU B 65 -45.48 26.74 -16.49
CA GLU B 65 -46.87 27.01 -16.14
C GLU B 65 -47.50 28.05 -17.06
N LYS B 66 -46.76 29.11 -17.39
CA LYS B 66 -47.24 30.07 -18.38
C LYS B 66 -47.55 29.41 -19.72
N LEU B 67 -46.99 28.25 -19.99
CA LEU B 67 -47.28 27.53 -21.24
C LEU B 67 -48.25 26.36 -21.04
N ASP B 68 -49.27 26.49 -20.18
CA ASP B 68 -50.23 25.40 -20.10
C ASP B 68 -51.17 25.42 -21.29
N GLY B 69 -51.87 24.31 -21.50
CA GLY B 69 -52.76 24.16 -22.64
C GLY B 69 -52.03 23.98 -23.95
N GLY B 70 -50.80 24.46 -23.99
CA GLY B 70 -50.08 24.42 -25.25
C GLY B 70 -50.71 25.44 -26.15
N ILE B 71 -50.85 25.12 -27.44
CA ILE B 71 -51.47 26.06 -28.40
C ILE B 71 -52.64 25.35 -29.07
N GLU B 72 -53.19 24.33 -28.41
CA GLU B 72 -54.27 23.53 -29.05
C GLU B 72 -55.46 24.41 -29.41
N PRO B 73 -55.90 25.36 -28.57
CA PRO B 73 -57.02 26.22 -28.92
C PRO B 73 -56.77 27.15 -30.09
N TYR B 74 -55.50 27.48 -30.35
CA TYR B 74 -55.11 28.45 -31.39
C TYR B 74 -54.79 27.77 -32.73
N ARG B 75 -55.15 26.51 -32.92
CA ARG B 75 -54.81 25.84 -34.21
C ARG B 75 -55.99 25.89 -35.19
N LEU B 76 -55.70 25.86 -36.50
CA LEU B 76 -56.67 25.81 -37.56
C LEU B 76 -56.49 24.54 -38.38
N PRO B 77 -57.57 23.94 -38.87
CA PRO B 77 -57.46 22.66 -39.58
C PRO B 77 -56.57 22.76 -40.81
N GLU B 78 -56.33 21.60 -41.42
CA GLU B 78 -55.39 21.46 -42.53
C GLU B 78 -56.11 21.60 -43.87
N VAL B 79 -55.49 22.33 -44.80
CA VAL B 79 -56.11 22.61 -46.10
C VAL B 79 -55.71 21.48 -47.05
N ILE B 80 -56.62 20.51 -47.22
CA ILE B 80 -56.36 19.36 -48.08
C ILE B 80 -56.86 19.75 -49.48
N GLN B 81 -55.93 20.15 -50.35
CA GLN B 81 -56.25 20.88 -51.57
C GLN B 81 -55.42 20.35 -52.74
N LYS B 82 -56.05 19.62 -53.65
CA LYS B 82 -55.36 19.10 -54.83
C LYS B 82 -54.81 20.27 -55.67
N CYS B 83 -53.53 20.16 -56.08
CA CYS B 83 -52.85 21.22 -56.80
C CYS B 83 -53.31 21.27 -58.25
N ASN B 84 -53.91 22.40 -58.64
CA ASN B 84 -54.43 22.64 -59.98
C ASN B 84 -53.37 23.39 -60.81
N ALA B 85 -53.64 23.51 -62.11
CA ALA B 85 -52.66 24.01 -63.07
C ALA B 85 -52.94 25.41 -63.57
N ARG B 86 -54.17 25.70 -64.00
CA ARG B 86 -54.52 26.99 -64.58
C ARG B 86 -54.62 28.07 -63.49
N TRP B 87 -54.40 29.32 -63.90
CA TRP B 87 -54.23 30.45 -62.98
C TRP B 87 -55.49 31.32 -62.93
N THR B 88 -56.33 31.13 -61.91
CA THR B 88 -57.45 32.05 -61.75
C THR B 88 -56.93 33.43 -61.37
N THR B 89 -57.69 34.45 -61.76
CA THR B 89 -57.26 35.83 -61.61
C THR B 89 -57.12 36.21 -60.13
N GLU B 90 -57.83 35.54 -59.24
CA GLU B 90 -57.57 35.72 -57.82
C GLU B 90 -56.27 35.04 -57.43
N GLU B 91 -56.06 33.81 -57.90
CA GLU B 91 -54.81 33.14 -57.62
C GLU B 91 -53.63 33.99 -58.06
N GLN B 92 -53.77 34.71 -59.18
CA GLN B 92 -52.70 35.62 -59.59
C GLN B 92 -52.57 36.78 -58.61
N LEU B 93 -53.70 37.43 -58.26
CA LEU B 93 -53.70 38.61 -57.40
C LEU B 93 -53.30 38.29 -55.96
N LEU B 94 -53.74 37.14 -55.42
CA LEU B 94 -53.16 36.66 -54.16
C LEU B 94 -51.64 36.62 -54.24
N ALA B 95 -51.13 36.04 -55.33
CA ALA B 95 -49.69 35.87 -55.53
C ALA B 95 -48.95 37.20 -55.41
N VAL B 96 -49.27 38.16 -56.27
CA VAL B 96 -48.58 39.45 -56.31
C VAL B 96 -48.52 40.13 -54.95
N GLN B 97 -49.48 39.83 -54.10
CA GLN B 97 -49.43 40.48 -52.78
C GLN B 97 -48.48 39.66 -51.92
N ALA B 98 -48.48 38.36 -52.16
CA ALA B 98 -47.64 37.42 -51.41
C ALA B 98 -46.18 37.78 -51.65
N ILE B 99 -45.86 38.06 -52.90
CA ILE B 99 -44.47 38.43 -53.24
C ILE B 99 -44.14 39.69 -52.48
N ARG B 100 -45.03 40.68 -52.49
CA ARG B 100 -44.72 41.94 -51.79
C ARG B 100 -44.56 41.70 -50.30
N LYS B 101 -45.35 40.82 -49.71
CA LYS B 101 -45.19 40.60 -48.26
C LYS B 101 -44.19 39.50 -47.98
N TYR B 102 -43.75 38.72 -48.96
CA TYR B 102 -42.84 37.63 -48.52
C TYR B 102 -41.48 37.63 -49.20
N GLY B 103 -41.37 38.13 -50.42
CA GLY B 103 -40.06 38.08 -51.09
C GLY B 103 -39.89 36.79 -51.87
N ARG B 104 -38.72 36.15 -51.81
CA ARG B 104 -38.54 34.88 -52.54
C ARG B 104 -38.87 33.67 -51.67
N ASP B 105 -39.71 33.79 -50.66
CA ASP B 105 -40.01 32.55 -49.90
C ASP B 105 -41.12 31.82 -50.64
N PHE B 106 -40.77 31.03 -51.64
CA PHE B 106 -41.79 30.40 -52.49
C PHE B 106 -42.73 29.50 -51.69
N GLN B 107 -42.23 28.78 -50.69
CA GLN B 107 -43.17 27.88 -49.99
C GLN B 107 -44.30 28.70 -49.37
N ALA B 108 -43.96 29.76 -48.66
CA ALA B 108 -45.05 30.48 -48.00
C ALA B 108 -45.99 31.06 -49.05
N ILE B 109 -45.42 31.57 -50.14
CA ILE B 109 -46.24 32.00 -51.27
C ILE B 109 -47.03 30.84 -51.86
N SER B 110 -46.48 29.63 -51.86
CA SER B 110 -47.25 28.48 -52.30
C SER B 110 -48.22 27.99 -51.25
N ASP B 111 -48.08 28.43 -49.99
CA ASP B 111 -49.12 28.15 -48.99
C ASP B 111 -50.31 29.08 -49.16
N VAL B 112 -50.03 30.39 -49.20
CA VAL B 112 -51.07 31.39 -49.37
C VAL B 112 -52.00 31.00 -50.51
N ILE B 113 -51.42 30.57 -51.64
CA ILE B 113 -52.28 30.24 -52.77
C ILE B 113 -52.91 28.87 -52.60
N GLY B 114 -52.19 27.91 -52.06
CA GLY B 114 -52.77 26.66 -51.62
C GLY B 114 -52.93 25.54 -52.64
N ASN B 115 -53.31 25.88 -53.87
CA ASN B 115 -53.40 24.88 -54.93
C ASN B 115 -52.32 25.05 -55.99
N LYS B 116 -51.37 25.96 -55.79
CA LYS B 116 -50.20 26.04 -56.65
C LYS B 116 -48.99 25.61 -55.84
N SER B 117 -48.26 24.61 -56.35
CA SER B 117 -47.06 24.12 -55.69
C SER B 117 -45.90 25.06 -56.01
N VAL B 118 -44.72 24.73 -55.47
CA VAL B 118 -43.62 25.69 -55.41
C VAL B 118 -42.92 25.88 -56.74
N VAL B 119 -43.02 24.91 -57.65
CA VAL B 119 -42.41 25.09 -58.96
C VAL B 119 -43.18 26.13 -59.77
N GLN B 120 -44.50 25.95 -59.93
CA GLN B 120 -45.24 26.88 -60.76
C GLN B 120 -45.47 28.21 -60.07
N VAL B 121 -45.02 28.35 -58.82
CA VAL B 121 -44.75 29.68 -58.29
C VAL B 121 -43.64 30.32 -59.10
N LYS B 122 -42.51 29.62 -59.06
CA LYS B 122 -41.24 30.01 -59.71
C LYS B 122 -41.56 30.28 -61.17
N ASN B 123 -42.28 29.36 -61.78
CA ASN B 123 -42.63 29.52 -63.22
C ASN B 123 -43.48 30.78 -63.38
N PHE B 124 -44.41 31.00 -62.45
CA PHE B 124 -45.29 32.19 -62.53
C PHE B 124 -44.42 33.45 -62.52
N PHE B 125 -43.37 33.52 -61.70
CA PHE B 125 -42.52 34.73 -61.69
C PHE B 125 -41.96 34.94 -63.07
N VAL B 126 -41.69 33.85 -63.74
CA VAL B 126 -41.06 33.96 -65.09
C VAL B 126 -42.03 34.59 -66.07
N ASN B 127 -43.11 33.88 -66.35
CA ASN B 127 -44.05 34.29 -67.41
C ASN B 127 -44.70 35.65 -67.12
N TYR B 128 -45.06 35.93 -65.87
CA TYR B 128 -45.80 37.20 -65.66
C TYR B 128 -44.86 38.31 -65.21
N ARG B 129 -43.56 38.13 -65.34
CA ARG B 129 -42.65 39.18 -64.81
C ARG B 129 -42.90 40.51 -65.51
N ARG B 130 -43.03 40.52 -66.82
CA ARG B 130 -43.27 41.84 -67.44
C ARG B 130 -44.69 42.31 -67.16
N ARG B 131 -45.64 41.40 -67.35
CA ARG B 131 -47.11 41.64 -67.36
C ARG B 131 -47.62 42.22 -66.06
N PHE B 132 -47.02 41.79 -64.93
CA PHE B 132 -47.43 42.24 -63.57
C PHE B 132 -46.41 43.17 -62.96
N ASN B 133 -45.47 43.66 -63.74
CA ASN B 133 -44.45 44.59 -63.23
C ASN B 133 -43.71 44.05 -62.00
N ILE B 134 -43.42 42.76 -61.99
CA ILE B 134 -42.62 42.18 -60.88
C ILE B 134 -41.20 42.67 -61.08
N ASP B 135 -40.50 42.82 -59.96
CA ASP B 135 -39.13 43.33 -59.64
C ASP B 135 -39.38 44.67 -58.96
N GLU B 136 -40.37 45.39 -59.45
CA GLU B 136 -40.75 46.67 -58.80
C GLU B 136 -41.29 46.26 -57.44
N VAL B 137 -42.13 45.23 -57.43
CA VAL B 137 -42.67 44.72 -56.16
C VAL B 137 -41.49 44.27 -55.31
N LEU B 138 -40.59 43.50 -55.90
CA LEU B 138 -39.49 42.94 -55.09
C LEU B 138 -38.62 44.05 -54.56
N GLN B 139 -38.35 45.04 -55.40
CA GLN B 139 -37.57 46.21 -54.99
C GLN B 139 -38.26 46.76 -53.76
N GLU B 140 -39.57 46.95 -53.88
CA GLU B 140 -40.25 47.55 -52.70
C GLU B 140 -40.19 46.57 -51.53
N TRP B 141 -40.33 45.27 -51.78
CA TRP B 141 -40.30 44.29 -50.66
C TRP B 141 -38.95 44.31 -49.96
N GLU B 142 -37.88 44.46 -50.71
CA GLU B 142 -36.54 44.53 -50.10
C GLU B 142 -36.49 45.76 -49.20
N ALA B 143 -37.01 46.89 -49.67
CA ALA B 143 -36.97 48.16 -48.92
C ALA B 143 -37.45 48.00 -47.48
N GLU B 144 -38.07 46.88 -47.13
CA GLU B 144 -38.49 46.71 -45.73
C GLU B 144 -37.59 45.74 -44.96
N ALA C 1 10.22 -5.31 8.80
CA ALA C 1 9.38 -4.39 8.01
C ALA C 1 8.63 -5.21 6.95
N ARG C 2 8.28 -4.57 5.82
CA ARG C 2 7.47 -5.16 4.72
C ARG C 2 6.13 -5.71 5.24
N THR C 3 5.57 -6.79 4.67
CA THR C 3 4.22 -7.18 5.21
C THR C 3 4.11 -8.68 5.56
N GLN C 5 2.05 -12.27 7.60
CA GLN C 5 0.86 -13.17 7.64
C GLN C 5 0.28 -13.42 6.24
N THR C 6 1.14 -13.55 5.24
CA THR C 6 0.75 -13.79 3.83
C THR C 6 1.90 -14.53 3.13
N ALA C 7 1.65 -15.18 2.00
CA ALA C 7 2.70 -15.98 1.32
C ALA C 7 3.24 -15.28 0.07
N ARG C 8 3.09 -13.96 -0.04
CA ARG C 8 3.59 -13.21 -1.22
C ARG C 8 5.03 -12.75 -0.96
#